data_2YQL
#
_entry.id   2YQL
#
loop_
_entity.id
_entity.type
_entity.pdbx_description
1 polymer 'PHD finger protein 21A'
2 non-polymer 'ZINC ION'
#
_entity_poly.entity_id   1
_entity_poly.type   'polypeptide(L)'
_entity_poly.pdbx_seq_one_letter_code
;GSSGSSGHEDFCSVCRKSGQLLMCDTCSRVYHLDCLDPPLKTIPKGMWICPRCQDQ
;
_entity_poly.pdbx_strand_id   A
#
# COMPACT_ATOMS: atom_id res chain seq x y z
N GLY A 1 4.42 29.96 2.46
CA GLY A 1 4.08 28.62 2.90
C GLY A 1 4.66 27.54 2.00
N SER A 2 3.98 26.40 1.93
CA SER A 2 4.42 25.30 1.09
C SER A 2 3.27 24.35 0.78
N SER A 3 3.33 23.72 -0.39
CA SER A 3 2.29 22.81 -0.82
C SER A 3 2.03 21.75 0.24
N GLY A 4 3.11 21.17 0.78
CA GLY A 4 2.97 20.15 1.81
C GLY A 4 2.11 18.99 1.36
N SER A 5 2.36 18.51 0.14
CA SER A 5 1.59 17.40 -0.40
C SER A 5 2.52 16.36 -1.02
N SER A 6 2.04 15.12 -1.10
CA SER A 6 2.83 14.03 -1.66
C SER A 6 1.97 13.13 -2.54
N GLY A 7 2.61 12.39 -3.43
CA GLY A 7 1.89 11.49 -4.31
C GLY A 7 1.29 10.30 -3.59
N HIS A 8 2.15 9.52 -2.94
CA HIS A 8 1.70 8.34 -2.21
C HIS A 8 1.71 8.62 -0.70
N GLU A 9 0.87 7.88 0.03
CA GLU A 9 0.78 8.04 1.48
C GLU A 9 1.99 7.45 2.17
N ASP A 10 2.02 7.54 3.50
CA ASP A 10 3.13 7.01 4.28
C ASP A 10 2.63 6.36 5.57
N PHE A 11 1.38 5.91 5.55
CA PHE A 11 0.77 5.28 6.71
C PHE A 11 -0.19 4.18 6.29
N CYS A 12 -0.19 3.07 7.04
CA CYS A 12 -1.06 1.94 6.74
C CYS A 12 -2.52 2.40 6.61
N SER A 13 -3.21 1.87 5.62
CA SER A 13 -4.61 2.23 5.39
C SER A 13 -5.54 1.23 6.05
N VAL A 14 -5.16 0.77 7.24
CA VAL A 14 -5.97 -0.19 7.99
C VAL A 14 -5.80 0.01 9.49
N CYS A 15 -4.55 0.16 9.93
CA CYS A 15 -4.25 0.36 11.34
C CYS A 15 -3.64 1.74 11.58
N ARG A 16 -3.02 2.29 10.54
CA ARG A 16 -2.39 3.60 10.65
C ARG A 16 -1.27 3.59 11.67
N LYS A 17 -0.06 3.21 11.23
CA LYS A 17 1.09 3.15 12.12
C LYS A 17 2.35 3.62 11.39
N SER A 18 3.47 3.63 12.11
CA SER A 18 4.74 4.06 11.54
C SER A 18 5.62 2.86 11.22
N GLY A 19 6.41 2.97 10.14
CA GLY A 19 7.28 1.89 9.75
C GLY A 19 7.30 1.69 8.24
N GLN A 20 7.77 0.52 7.81
CA GLN A 20 7.85 0.20 6.39
C GLN A 20 6.47 -0.18 5.85
N LEU A 21 6.10 0.40 4.71
CA LEU A 21 4.81 0.11 4.08
C LEU A 21 4.99 -0.24 2.61
N LEU A 22 4.12 -1.11 2.11
CA LEU A 22 4.18 -1.52 0.70
C LEU A 22 3.57 -0.46 -0.21
N MET A 23 4.00 -0.44 -1.46
CA MET A 23 3.50 0.52 -2.42
C MET A 23 2.87 -0.18 -3.61
N CYS A 24 1.78 0.38 -4.13
CA CYS A 24 1.08 -0.20 -5.26
C CYS A 24 1.67 0.29 -6.58
N ASP A 25 1.69 -0.58 -7.58
CA ASP A 25 2.23 -0.24 -8.88
C ASP A 25 1.12 0.22 -9.83
N THR A 26 0.19 1.02 -9.30
CA THR A 26 -0.92 1.53 -10.09
C THR A 26 -1.52 2.78 -9.46
N CYS A 27 -2.12 2.62 -8.29
CA CYS A 27 -2.73 3.73 -7.58
C CYS A 27 -1.74 4.38 -6.61
N SER A 28 -2.24 5.26 -5.76
CA SER A 28 -1.40 5.96 -4.80
C SER A 28 -1.84 5.64 -3.37
N ARG A 29 -1.59 4.41 -2.93
CA ARG A 29 -1.96 3.98 -1.59
C ARG A 29 -0.92 3.02 -1.02
N VAL A 30 -0.85 2.95 0.30
CA VAL A 30 0.10 2.08 0.97
C VAL A 30 -0.61 1.10 1.91
N TYR A 31 -0.09 -0.11 2.00
CA TYR A 31 -0.67 -1.13 2.86
C TYR A 31 0.41 -2.02 3.46
N HIS A 32 0.30 -2.29 4.76
CA HIS A 32 1.26 -3.13 5.46
C HIS A 32 1.34 -4.51 4.82
N LEU A 33 2.19 -5.36 5.38
CA LEU A 33 2.37 -6.72 4.86
C LEU A 33 1.42 -7.69 5.55
N ASP A 34 1.02 -7.34 6.77
CA ASP A 34 0.11 -8.19 7.54
C ASP A 34 -1.32 -7.64 7.48
N CYS A 35 -1.44 -6.36 7.15
CA CYS A 35 -2.74 -5.71 7.06
C CYS A 35 -3.23 -5.66 5.61
N LEU A 36 -3.33 -6.84 4.98
CA LEU A 36 -3.78 -6.92 3.59
C LEU A 36 -5.04 -7.79 3.49
N ASP A 37 -5.52 -7.96 2.27
CA ASP A 37 -6.72 -8.77 2.02
C ASP A 37 -6.65 -9.43 0.65
N PRO A 38 -6.20 -10.70 0.64
CA PRO A 38 -5.80 -11.41 1.85
C PRO A 38 -4.50 -10.86 2.44
N PRO A 39 -4.19 -11.27 3.68
CA PRO A 39 -2.98 -10.84 4.38
C PRO A 39 -1.71 -11.41 3.76
N LEU A 40 -0.60 -10.71 3.96
CA LEU A 40 0.68 -11.15 3.42
C LEU A 40 1.69 -11.41 4.53
N LYS A 41 2.89 -11.83 4.15
CA LYS A 41 3.94 -12.11 5.13
C LYS A 41 5.29 -11.59 4.64
N THR A 42 5.84 -12.25 3.63
CA THR A 42 7.13 -11.86 3.07
C THR A 42 6.94 -10.93 1.87
N ILE A 43 8.04 -10.64 1.18
CA ILE A 43 8.00 -9.77 0.01
C ILE A 43 7.32 -10.46 -1.17
N PRO A 44 6.15 -9.94 -1.57
CA PRO A 44 5.38 -10.50 -2.69
C PRO A 44 6.06 -10.26 -4.03
N LYS A 45 6.92 -11.19 -4.43
CA LYS A 45 7.65 -11.08 -5.69
C LYS A 45 6.68 -10.83 -6.84
N GLY A 46 7.21 -10.37 -7.97
CA GLY A 46 6.38 -10.09 -9.13
C GLY A 46 5.54 -8.85 -8.97
N MET A 47 5.09 -8.29 -10.08
CA MET A 47 4.26 -7.09 -10.05
C MET A 47 3.09 -7.25 -9.10
N TRP A 48 3.18 -6.65 -7.92
CA TRP A 48 2.13 -6.74 -6.92
C TRP A 48 1.15 -5.56 -7.07
N ILE A 49 -0.13 -5.84 -6.81
CA ILE A 49 -1.15 -4.81 -6.91
C ILE A 49 -2.15 -4.91 -5.76
N CYS A 50 -2.37 -3.80 -5.07
CA CYS A 50 -3.30 -3.77 -3.95
C CYS A 50 -4.66 -4.34 -4.35
N PRO A 51 -5.40 -4.87 -3.36
CA PRO A 51 -6.72 -5.46 -3.59
C PRO A 51 -7.76 -4.41 -3.93
N ARG A 52 -7.42 -3.15 -3.72
CA ARG A 52 -8.34 -2.05 -4.01
C ARG A 52 -8.37 -1.75 -5.51
N CYS A 53 -7.31 -2.11 -6.21
CA CYS A 53 -7.22 -1.90 -7.65
C CYS A 53 -7.87 -3.04 -8.42
N GLN A 54 -7.44 -4.27 -8.12
CA GLN A 54 -7.98 -5.44 -8.78
C GLN A 54 -9.50 -5.47 -8.70
N ASP A 55 -10.05 -4.89 -7.63
CA ASP A 55 -11.49 -4.84 -7.44
C ASP A 55 -12.06 -3.52 -7.97
N GLN A 56 -13.38 -3.48 -8.13
CA GLN A 56 -14.05 -2.29 -8.63
C GLN A 56 -14.37 -1.33 -7.48
N GLY A 1 -3.01 21.46 -4.21
CA GLY A 1 -3.95 20.82 -3.32
C GLY A 1 -3.29 20.29 -2.06
N SER A 2 -4.09 20.01 -1.03
CA SER A 2 -3.57 19.50 0.23
C SER A 2 -3.17 18.04 0.10
N SER A 3 -4.13 17.21 -0.34
CA SER A 3 -3.88 15.78 -0.51
C SER A 3 -4.30 15.31 -1.89
N GLY A 4 -3.31 15.06 -2.75
CA GLY A 4 -3.60 14.61 -4.10
C GLY A 4 -2.60 13.59 -4.59
N SER A 5 -1.64 14.04 -5.39
CA SER A 5 -0.62 13.15 -5.93
C SER A 5 0.78 13.73 -5.71
N SER A 6 1.02 14.19 -4.49
CA SER A 6 2.32 14.77 -4.14
C SER A 6 3.41 13.70 -4.11
N GLY A 7 3.31 12.79 -3.14
CA GLY A 7 4.29 11.72 -3.02
C GLY A 7 3.73 10.50 -2.31
N HIS A 8 2.49 10.16 -2.63
CA HIS A 8 1.84 9.01 -2.01
C HIS A 8 1.77 9.16 -0.49
N GLU A 9 1.14 8.20 0.17
CA GLU A 9 1.01 8.23 1.63
C GLU A 9 2.23 7.62 2.29
N ASP A 10 2.17 7.46 3.61
CA ASP A 10 3.27 6.89 4.36
C ASP A 10 2.78 6.24 5.65
N PHE A 11 1.51 5.82 5.63
CA PHE A 11 0.91 5.18 6.80
C PHE A 11 -0.10 4.11 6.38
N CYS A 12 -0.11 3.00 7.09
CA CYS A 12 -1.02 1.90 6.80
C CYS A 12 -2.46 2.40 6.70
N SER A 13 -3.18 1.91 5.70
CA SER A 13 -4.57 2.31 5.49
C SER A 13 -5.52 1.32 6.16
N VAL A 14 -5.15 0.84 7.33
CA VAL A 14 -5.96 -0.12 8.07
C VAL A 14 -5.76 0.03 9.58
N CYS A 15 -4.50 0.15 10.00
CA CYS A 15 -4.17 0.30 11.41
C CYS A 15 -3.51 1.65 11.67
N ARG A 16 -2.91 2.21 10.63
CA ARG A 16 -2.23 3.51 10.76
C ARG A 16 -1.06 3.42 11.73
N LYS A 17 0.07 2.93 11.24
CA LYS A 17 1.26 2.79 12.07
C LYS A 17 2.52 3.13 11.27
N SER A 18 3.62 3.38 11.98
CA SER A 18 4.89 3.71 11.34
C SER A 18 5.64 2.44 10.94
N GLY A 19 6.80 2.63 10.31
CA GLY A 19 7.60 1.50 9.89
C GLY A 19 7.67 1.36 8.38
N GLN A 20 7.79 0.13 7.90
CA GLN A 20 7.86 -0.13 6.46
C GLN A 20 6.48 -0.44 5.90
N LEU A 21 6.16 0.18 4.77
CA LEU A 21 4.87 -0.04 4.13
C LEU A 21 5.05 -0.37 2.65
N LEU A 22 4.14 -1.17 2.11
CA LEU A 22 4.20 -1.56 0.71
C LEU A 22 3.56 -0.50 -0.18
N MET A 23 3.98 -0.44 -1.44
CA MET A 23 3.45 0.53 -2.38
C MET A 23 2.82 -0.18 -3.59
N CYS A 24 1.75 0.41 -4.12
CA CYS A 24 1.06 -0.17 -5.26
C CYS A 24 1.67 0.33 -6.56
N ASP A 25 1.68 -0.54 -7.57
CA ASP A 25 2.23 -0.19 -8.88
C ASP A 25 1.14 0.30 -9.82
N THR A 26 0.21 1.09 -9.29
CA THR A 26 -0.89 1.62 -10.08
C THR A 26 -1.49 2.86 -9.43
N CYS A 27 -2.12 2.67 -8.28
CA CYS A 27 -2.73 3.77 -7.55
C CYS A 27 -1.75 4.40 -6.57
N SER A 28 -2.25 5.28 -5.71
CA SER A 28 -1.41 5.96 -4.72
C SER A 28 -1.88 5.63 -3.31
N ARG A 29 -1.63 4.40 -2.88
CA ARG A 29 -2.02 3.96 -1.54
C ARG A 29 -1.01 2.97 -0.98
N VAL A 30 -0.82 3.02 0.34
CA VAL A 30 0.13 2.13 1.01
C VAL A 30 -0.59 1.13 1.90
N TYR A 31 -0.04 -0.07 2.02
CA TYR A 31 -0.64 -1.10 2.86
C TYR A 31 0.43 -2.02 3.44
N HIS A 32 0.31 -2.29 4.74
CA HIS A 32 1.27 -3.16 5.42
C HIS A 32 1.35 -4.52 4.75
N LEU A 33 2.20 -5.40 5.30
CA LEU A 33 2.36 -6.74 4.75
C LEU A 33 1.40 -7.72 5.42
N ASP A 34 1.00 -7.40 6.65
CA ASP A 34 0.08 -8.26 7.39
C ASP A 34 -1.34 -7.71 7.34
N CYS A 35 -1.46 -6.41 7.03
CA CYS A 35 -2.76 -5.75 6.95
C CYS A 35 -3.23 -5.68 5.50
N LEU A 36 -3.34 -6.83 4.85
CA LEU A 36 -3.78 -6.88 3.46
C LEU A 36 -5.05 -7.73 3.33
N ASP A 37 -5.53 -7.89 2.10
CA ASP A 37 -6.72 -8.67 1.83
C ASP A 37 -6.65 -9.31 0.46
N PRO A 38 -6.22 -10.59 0.42
CA PRO A 38 -5.82 -11.32 1.62
C PRO A 38 -4.52 -10.80 2.23
N PRO A 39 -4.23 -11.24 3.46
CA PRO A 39 -3.01 -10.82 4.17
C PRO A 39 -1.75 -11.39 3.55
N LEU A 40 -0.63 -10.70 3.76
CA LEU A 40 0.65 -11.13 3.22
C LEU A 40 1.65 -11.42 4.34
N LYS A 41 2.85 -11.84 3.96
CA LYS A 41 3.89 -12.14 4.93
C LYS A 41 5.25 -11.63 4.45
N THR A 42 5.80 -12.29 3.42
CA THR A 42 7.08 -11.90 2.87
C THR A 42 6.91 -10.95 1.69
N ILE A 43 8.01 -10.67 0.99
CA ILE A 43 7.98 -9.78 -0.16
C ILE A 43 7.30 -10.45 -1.34
N PRO A 44 6.13 -9.91 -1.74
CA PRO A 44 5.35 -10.44 -2.87
C PRO A 44 6.03 -10.18 -4.21
N LYS A 45 6.89 -11.12 -4.61
CA LYS A 45 7.62 -11.00 -5.88
C LYS A 45 6.65 -10.74 -7.02
N GLY A 46 7.20 -10.30 -8.15
CA GLY A 46 6.37 -10.01 -9.31
C GLY A 46 5.52 -8.77 -9.14
N MET A 47 5.05 -8.21 -10.24
CA MET A 47 4.23 -7.01 -10.20
C MET A 47 3.05 -7.18 -9.24
N TRP A 48 3.17 -6.58 -8.06
CA TRP A 48 2.12 -6.68 -7.05
C TRP A 48 1.13 -5.51 -7.19
N ILE A 49 -0.14 -5.79 -6.88
CA ILE A 49 -1.18 -4.77 -6.97
C ILE A 49 -2.15 -4.89 -5.81
N CYS A 50 -2.38 -3.78 -5.11
CA CYS A 50 -3.29 -3.76 -3.98
C CYS A 50 -4.66 -4.34 -4.37
N PRO A 51 -5.38 -4.88 -3.37
CA PRO A 51 -6.70 -5.47 -3.59
C PRO A 51 -7.76 -4.43 -3.92
N ARG A 52 -7.40 -3.15 -3.74
CA ARG A 52 -8.33 -2.06 -4.03
C ARG A 52 -8.38 -1.77 -5.52
N CYS A 53 -7.32 -2.14 -6.22
CA CYS A 53 -7.24 -1.90 -7.66
C CYS A 53 -7.90 -3.04 -8.43
N GLN A 54 -7.47 -4.28 -8.14
CA GLN A 54 -8.01 -5.45 -8.81
C GLN A 54 -9.53 -5.46 -8.72
N ASP A 55 -10.06 -4.90 -7.64
CA ASP A 55 -11.50 -4.85 -7.44
C ASP A 55 -12.15 -3.82 -8.36
N GLN A 56 -13.34 -4.14 -8.85
CA GLN A 56 -14.06 -3.25 -9.74
C GLN A 56 -14.22 -1.86 -9.11
N GLY A 1 16.20 22.01 3.33
CA GLY A 1 15.22 21.18 2.67
C GLY A 1 13.83 21.80 2.66
N SER A 2 12.89 21.11 3.29
CA SER A 2 11.51 21.60 3.35
C SER A 2 10.91 21.73 1.96
N SER A 3 10.59 20.60 1.35
CA SER A 3 10.01 20.59 0.01
C SER A 3 8.99 19.46 -0.13
N GLY A 4 8.33 19.11 0.97
CA GLY A 4 7.33 18.06 0.95
C GLY A 4 7.96 16.67 1.02
N SER A 5 7.12 15.65 0.99
CA SER A 5 7.60 14.27 1.07
C SER A 5 7.35 13.55 -0.26
N SER A 6 6.12 13.66 -0.76
CA SER A 6 5.75 13.01 -2.01
C SER A 6 5.86 11.49 -1.89
N GLY A 7 5.47 10.79 -2.95
CA GLY A 7 5.54 9.34 -2.95
C GLY A 7 4.33 8.70 -2.29
N HIS A 8 3.15 9.20 -2.63
CA HIS A 8 1.91 8.68 -2.06
C HIS A 8 1.91 8.80 -0.54
N GLU A 9 0.91 8.19 0.10
CA GLU A 9 0.81 8.23 1.55
C GLU A 9 2.05 7.62 2.20
N ASP A 10 2.03 7.53 3.53
CA ASP A 10 3.15 6.96 4.27
C ASP A 10 2.67 6.30 5.56
N PHE A 11 1.41 5.86 5.54
CA PHE A 11 0.83 5.20 6.71
C PHE A 11 -0.17 4.12 6.28
N CYS A 12 -0.17 3.01 7.02
CA CYS A 12 -1.07 1.90 6.72
C CYS A 12 -2.52 2.38 6.59
N SER A 13 -3.21 1.89 5.57
CA SER A 13 -4.59 2.27 5.34
C SER A 13 -5.56 1.28 5.97
N VAL A 14 -5.19 0.80 7.16
CA VAL A 14 -6.02 -0.16 7.87
C VAL A 14 -5.86 -0.01 9.39
N CYS A 15 -4.61 0.12 9.83
CA CYS A 15 -4.33 0.27 11.25
C CYS A 15 -3.69 1.63 11.53
N ARG A 16 -3.04 2.20 10.52
CA ARG A 16 -2.39 3.49 10.65
C ARG A 16 -1.25 3.43 11.68
N LYS A 17 -0.08 3.02 11.22
CA LYS A 17 1.08 2.92 12.10
C LYS A 17 2.35 3.38 11.38
N SER A 18 3.46 3.37 12.10
CA SER A 18 4.74 3.80 11.53
C SER A 18 5.63 2.60 11.24
N GLY A 19 6.47 2.73 10.20
CA GLY A 19 7.36 1.64 9.84
C GLY A 19 7.42 1.43 8.33
N GLN A 20 7.71 0.20 7.92
CA GLN A 20 7.80 -0.12 6.51
C GLN A 20 6.43 -0.44 5.93
N LEU A 21 6.11 0.18 4.80
CA LEU A 21 4.82 -0.04 4.15
C LEU A 21 5.01 -0.36 2.66
N LEU A 22 4.11 -1.17 2.12
CA LEU A 22 4.17 -1.56 0.72
C LEU A 22 3.55 -0.49 -0.18
N MET A 23 4.00 -0.43 -1.43
CA MET A 23 3.48 0.54 -2.38
C MET A 23 2.85 -0.16 -3.58
N CYS A 24 1.74 0.40 -4.07
CA CYS A 24 1.04 -0.17 -5.22
C CYS A 24 1.67 0.31 -6.52
N ASP A 25 1.67 -0.56 -7.53
CA ASP A 25 2.24 -0.23 -8.83
C ASP A 25 1.15 0.26 -9.78
N THR A 26 0.26 1.09 -9.27
CA THR A 26 -0.84 1.63 -10.08
C THR A 26 -1.45 2.87 -9.42
N CYS A 27 -2.09 2.66 -8.27
CA CYS A 27 -2.73 3.75 -7.55
C CYS A 27 -1.75 4.38 -6.55
N SER A 28 -2.28 5.25 -5.69
CA SER A 28 -1.45 5.92 -4.70
C SER A 28 -1.92 5.60 -3.29
N ARG A 29 -1.71 4.35 -2.88
CA ARG A 29 -2.11 3.90 -1.55
C ARG A 29 -1.13 2.88 -0.99
N VAL A 30 -0.81 3.00 0.29
CA VAL A 30 0.12 2.09 0.95
C VAL A 30 -0.62 1.11 1.85
N TYR A 31 -0.06 -0.09 1.99
CA TYR A 31 -0.67 -1.12 2.82
C TYR A 31 0.40 -2.03 3.42
N HIS A 32 0.27 -2.31 4.72
CA HIS A 32 1.22 -3.16 5.42
C HIS A 32 1.30 -4.53 4.76
N LEU A 33 2.13 -5.40 5.31
CA LEU A 33 2.30 -6.75 4.78
C LEU A 33 1.34 -7.72 5.45
N ASP A 34 0.92 -7.39 6.67
CA ASP A 34 0.00 -8.24 7.42
C ASP A 34 -1.42 -7.68 7.35
N CYS A 35 -1.53 -6.40 7.03
CA CYS A 35 -2.83 -5.74 6.94
C CYS A 35 -3.29 -5.66 5.49
N LEU A 36 -3.40 -6.82 4.85
CA LEU A 36 -3.84 -6.89 3.46
C LEU A 36 -5.10 -7.74 3.32
N ASP A 37 -5.58 -7.90 2.09
CA ASP A 37 -6.77 -8.69 1.83
C ASP A 37 -6.69 -9.34 0.45
N PRO A 38 -6.25 -10.61 0.42
CA PRO A 38 -5.86 -11.34 1.63
C PRO A 38 -4.57 -10.81 2.23
N PRO A 39 -4.27 -11.25 3.47
CA PRO A 39 -3.07 -10.82 4.19
C PRO A 39 -1.80 -11.40 3.57
N LEU A 40 -0.68 -10.71 3.78
CA LEU A 40 0.61 -11.14 3.24
C LEU A 40 1.60 -11.43 4.37
N LYS A 41 2.80 -11.85 3.99
CA LYS A 41 3.84 -12.16 4.97
C LYS A 41 5.20 -11.64 4.50
N THR A 42 5.75 -12.30 3.48
CA THR A 42 7.05 -11.90 2.94
C THR A 42 6.88 -10.96 1.75
N ILE A 43 7.98 -10.67 1.07
CA ILE A 43 7.96 -9.78 -0.08
C ILE A 43 7.28 -10.44 -1.28
N PRO A 44 6.12 -9.91 -1.69
CA PRO A 44 5.36 -10.43 -2.81
C PRO A 44 6.05 -10.18 -4.15
N LYS A 45 6.93 -11.10 -4.54
CA LYS A 45 7.66 -10.98 -5.79
C LYS A 45 6.70 -10.73 -6.96
N GLY A 46 7.25 -10.26 -8.08
CA GLY A 46 6.43 -9.98 -9.24
C GLY A 46 5.57 -8.76 -9.08
N MET A 47 5.11 -8.20 -10.19
CA MET A 47 4.27 -7.00 -10.15
C MET A 47 3.09 -7.19 -9.21
N TRP A 48 3.19 -6.59 -8.02
CA TRP A 48 2.13 -6.69 -7.03
C TRP A 48 1.15 -5.52 -7.15
N ILE A 49 -0.12 -5.78 -6.87
CA ILE A 49 -1.16 -4.76 -6.95
C ILE A 49 -2.14 -4.89 -5.79
N CYS A 50 -2.37 -3.78 -5.09
CA CYS A 50 -3.29 -3.76 -3.97
C CYS A 50 -4.65 -4.34 -4.36
N PRO A 51 -5.38 -4.88 -3.37
CA PRO A 51 -6.70 -5.47 -3.60
C PRO A 51 -7.75 -4.43 -3.93
N ARG A 52 -7.41 -3.15 -3.72
CA ARG A 52 -8.33 -2.06 -4.00
C ARG A 52 -8.38 -1.77 -5.49
N CYS A 53 -7.31 -2.11 -6.21
CA CYS A 53 -7.24 -1.89 -7.64
C CYS A 53 -7.88 -3.04 -8.41
N GLN A 54 -7.45 -4.25 -8.11
CA GLN A 54 -7.98 -5.44 -8.78
C GLN A 54 -9.51 -5.46 -8.70
N ASP A 55 -10.06 -4.89 -7.64
CA ASP A 55 -11.50 -4.84 -7.45
C ASP A 55 -11.97 -3.40 -7.24
N GLN A 56 -12.37 -2.75 -8.31
CA GLN A 56 -12.85 -1.37 -8.25
C GLN A 56 -14.08 -1.26 -7.35
N GLY A 1 -1.21 28.74 -2.89
CA GLY A 1 -1.36 28.60 -4.32
C GLY A 1 -0.26 27.75 -4.94
N SER A 2 -0.62 26.99 -5.97
CA SER A 2 0.34 26.12 -6.65
C SER A 2 0.92 25.10 -5.68
N SER A 3 0.07 24.58 -4.79
CA SER A 3 0.49 23.59 -3.81
C SER A 3 -0.25 22.28 -4.00
N GLY A 4 0.07 21.56 -5.06
CA GLY A 4 -0.58 20.30 -5.34
C GLY A 4 0.06 19.14 -4.61
N SER A 5 -0.77 18.21 -4.14
CA SER A 5 -0.28 17.05 -3.40
C SER A 5 -0.06 15.87 -4.34
N SER A 6 1.14 15.30 -4.29
CA SER A 6 1.48 14.16 -5.14
C SER A 6 2.36 13.16 -4.38
N GLY A 7 1.75 12.07 -3.92
CA GLY A 7 2.49 11.06 -3.20
C GLY A 7 1.67 9.82 -2.94
N HIS A 8 2.30 8.79 -2.38
CA HIS A 8 1.63 7.53 -2.09
C HIS A 8 1.45 7.35 -0.58
N GLU A 9 1.21 8.46 0.12
CA GLU A 9 1.02 8.41 1.56
C GLU A 9 2.26 7.83 2.25
N ASP A 10 2.12 7.56 3.55
CA ASP A 10 3.24 7.00 4.32
C ASP A 10 2.72 6.35 5.60
N PHE A 11 1.46 5.90 5.57
CA PHE A 11 0.86 5.25 6.73
C PHE A 11 -0.12 4.16 6.28
N CYS A 12 -0.13 3.06 7.02
CA CYS A 12 -1.02 1.94 6.71
C CYS A 12 -2.46 2.41 6.57
N SER A 13 -3.14 1.90 5.55
CA SER A 13 -4.53 2.27 5.29
C SER A 13 -5.48 1.27 5.94
N VAL A 14 -5.14 0.81 7.13
CA VAL A 14 -5.96 -0.14 7.86
C VAL A 14 -5.81 0.03 9.36
N CYS A 15 -4.57 0.16 9.82
CA CYS A 15 -4.29 0.33 11.23
C CYS A 15 -3.66 1.69 11.50
N ARG A 16 -3.03 2.25 10.48
CA ARG A 16 -2.38 3.56 10.61
C ARG A 16 -1.26 3.51 11.65
N LYS A 17 -0.07 3.11 11.21
CA LYS A 17 1.08 3.02 12.10
C LYS A 17 2.36 3.46 11.38
N SER A 18 3.48 3.44 12.10
CA SER A 18 4.76 3.84 11.53
C SER A 18 5.63 2.63 11.26
N GLY A 19 6.49 2.74 10.25
CA GLY A 19 7.37 1.64 9.90
C GLY A 19 7.46 1.41 8.40
N GLN A 20 7.65 0.17 8.00
CA GLN A 20 7.76 -0.18 6.58
C GLN A 20 6.38 -0.46 6.00
N LEU A 21 6.10 0.16 4.86
CA LEU A 21 4.81 -0.02 4.18
C LEU A 21 5.00 -0.37 2.71
N LEU A 22 4.07 -1.14 2.16
CA LEU A 22 4.14 -1.54 0.76
C LEU A 22 3.55 -0.47 -0.14
N MET A 23 4.01 -0.44 -1.40
CA MET A 23 3.51 0.53 -2.36
C MET A 23 2.88 -0.16 -3.56
N CYS A 24 1.76 0.37 -4.02
CA CYS A 24 1.05 -0.21 -5.17
C CYS A 24 1.64 0.30 -6.47
N ASP A 25 1.65 -0.56 -7.48
CA ASP A 25 2.19 -0.20 -8.80
C ASP A 25 1.07 0.26 -9.73
N THR A 26 0.16 1.07 -9.20
CA THR A 26 -0.95 1.59 -9.99
C THR A 26 -1.56 2.83 -9.33
N CYS A 27 -2.18 2.62 -8.17
CA CYS A 27 -2.81 3.72 -7.44
C CYS A 27 -1.81 4.39 -6.51
N SER A 28 -2.31 5.27 -5.64
CA SER A 28 -1.46 5.98 -4.69
C SER A 28 -1.88 5.69 -3.25
N ARG A 29 -1.68 4.44 -2.83
CA ARG A 29 -2.03 4.02 -1.49
C ARG A 29 -1.06 2.98 -0.96
N VAL A 30 -0.74 3.06 0.33
CA VAL A 30 0.19 2.12 0.95
C VAL A 30 -0.56 1.13 1.85
N TYR A 31 0.00 -0.06 1.99
CA TYR A 31 -0.61 -1.10 2.82
C TYR A 31 0.46 -2.00 3.43
N HIS A 32 0.34 -2.27 4.73
CA HIS A 32 1.29 -3.12 5.43
C HIS A 32 1.37 -4.50 4.78
N LEU A 33 2.20 -5.36 5.35
CA LEU A 33 2.37 -6.71 4.82
C LEU A 33 1.40 -7.68 5.49
N ASP A 34 0.99 -7.36 6.71
CA ASP A 34 0.07 -8.20 7.46
C ASP A 34 -1.35 -7.64 7.38
N CYS A 35 -1.46 -6.36 7.07
CA CYS A 35 -2.76 -5.70 6.96
C CYS A 35 -3.22 -5.63 5.51
N LEU A 36 -3.33 -6.79 4.87
CA LEU A 36 -3.76 -6.87 3.48
C LEU A 36 -5.02 -7.71 3.35
N ASP A 37 -5.49 -7.88 2.12
CA ASP A 37 -6.69 -8.68 1.85
C ASP A 37 -6.61 -9.34 0.48
N PRO A 38 -6.17 -10.60 0.46
CA PRO A 38 -5.79 -11.33 1.67
C PRO A 38 -4.50 -10.79 2.29
N PRO A 39 -4.21 -11.23 3.52
CA PRO A 39 -3.00 -10.79 4.25
C PRO A 39 -1.73 -11.38 3.63
N LEU A 40 -0.61 -10.68 3.85
CA LEU A 40 0.67 -11.12 3.31
C LEU A 40 1.66 -11.40 4.45
N LYS A 41 2.86 -11.83 4.08
CA LYS A 41 3.90 -12.12 5.07
C LYS A 41 5.26 -11.60 4.59
N THR A 42 5.82 -12.24 3.58
CA THR A 42 7.11 -11.85 3.04
C THR A 42 6.94 -10.89 1.86
N ILE A 43 8.04 -10.60 1.18
CA ILE A 43 8.01 -9.70 0.03
C ILE A 43 7.34 -10.37 -1.17
N PRO A 44 6.18 -9.83 -1.57
CA PRO A 44 5.41 -10.36 -2.71
C PRO A 44 6.11 -10.09 -4.04
N LYS A 45 7.02 -10.99 -4.41
CA LYS A 45 7.75 -10.85 -5.66
C LYS A 45 6.80 -10.66 -6.84
N GLY A 46 7.33 -10.15 -7.95
CA GLY A 46 6.50 -9.93 -9.12
C GLY A 46 5.61 -8.72 -8.98
N MET A 47 5.14 -8.21 -10.12
CA MET A 47 4.27 -7.03 -10.12
C MET A 47 3.09 -7.23 -9.17
N TRP A 48 3.16 -6.60 -8.01
CA TRP A 48 2.10 -6.71 -7.00
C TRP A 48 1.12 -5.55 -7.14
N ILE A 49 -0.15 -5.83 -6.87
CA ILE A 49 -1.20 -4.81 -6.95
C ILE A 49 -2.19 -4.94 -5.80
N CYS A 50 -2.41 -3.84 -5.09
CA CYS A 50 -3.33 -3.82 -3.97
C CYS A 50 -4.69 -4.39 -4.38
N PRO A 51 -5.43 -4.94 -3.39
CA PRO A 51 -6.75 -5.52 -3.62
C PRO A 51 -7.80 -4.46 -3.95
N ARG A 52 -7.45 -3.20 -3.73
CA ARG A 52 -8.36 -2.10 -4.00
C ARG A 52 -8.41 -1.79 -5.50
N CYS A 53 -7.34 -2.14 -6.20
CA CYS A 53 -7.25 -1.90 -7.63
C CYS A 53 -7.92 -3.03 -8.42
N GLN A 54 -7.47 -4.26 -8.18
CA GLN A 54 -8.01 -5.42 -8.85
C GLN A 54 -9.53 -5.45 -8.74
N ASP A 55 -10.05 -4.94 -7.63
CA ASP A 55 -11.49 -4.91 -7.39
C ASP A 55 -12.05 -3.51 -7.64
N GLN A 56 -12.18 -3.14 -8.90
CA GLN A 56 -12.70 -1.82 -9.27
C GLN A 56 -14.12 -1.65 -8.75
N GLY A 1 -0.26 27.14 -7.36
CA GLY A 1 0.37 26.23 -6.44
C GLY A 1 0.39 24.80 -6.95
N SER A 2 -0.28 23.90 -6.23
CA SER A 2 -0.33 22.50 -6.61
C SER A 2 -1.78 22.02 -6.70
N SER A 3 -2.00 21.00 -7.54
CA SER A 3 -3.33 20.45 -7.72
C SER A 3 -3.72 19.56 -6.55
N GLY A 4 -2.77 18.78 -6.06
CA GLY A 4 -3.02 17.89 -4.94
C GLY A 4 -3.12 16.44 -5.36
N SER A 5 -2.34 16.07 -6.36
CA SER A 5 -2.34 14.69 -6.86
C SER A 5 -0.92 14.13 -6.92
N SER A 6 -0.11 14.48 -5.93
CA SER A 6 1.28 14.02 -5.88
C SER A 6 1.61 13.44 -4.51
N GLY A 7 1.74 12.12 -4.45
CA GLY A 7 2.06 11.47 -3.19
C GLY A 7 1.47 10.08 -3.10
N HIS A 8 2.05 9.24 -2.26
CA HIS A 8 1.58 7.87 -2.08
C HIS A 8 1.35 7.57 -0.60
N GLU A 9 1.08 8.60 0.18
CA GLU A 9 0.85 8.44 1.61
C GLU A 9 2.06 7.81 2.29
N ASP A 10 1.94 7.60 3.60
CA ASP A 10 3.03 7.01 4.37
C ASP A 10 2.50 6.35 5.64
N PHE A 11 1.25 5.89 5.58
CA PHE A 11 0.62 5.24 6.73
C PHE A 11 -0.32 4.13 6.28
N CYS A 12 -0.33 3.02 7.01
CA CYS A 12 -1.19 1.89 6.68
C CYS A 12 -2.64 2.34 6.52
N SER A 13 -3.30 1.80 5.50
CA SER A 13 -4.69 2.15 5.22
C SER A 13 -5.63 1.14 5.86
N VAL A 14 -5.28 0.69 7.07
CA VAL A 14 -6.11 -0.29 7.78
C VAL A 14 -5.98 -0.11 9.30
N CYS A 15 -4.73 0.05 9.76
CA CYS A 15 -4.47 0.23 11.18
C CYS A 15 -3.87 1.61 11.45
N ARG A 16 -3.23 2.18 10.43
CA ARG A 16 -2.60 3.48 10.56
C ARG A 16 -1.48 3.46 11.60
N LYS A 17 -0.29 3.07 11.16
CA LYS A 17 0.86 3.00 12.05
C LYS A 17 2.14 3.44 11.33
N SER A 18 3.21 3.63 12.09
CA SER A 18 4.48 4.05 11.53
C SER A 18 5.38 2.86 11.23
N GLY A 19 6.20 2.98 10.19
CA GLY A 19 7.09 1.90 9.82
C GLY A 19 7.14 1.68 8.32
N GLN A 20 7.63 0.52 7.91
CA GLN A 20 7.74 0.18 6.49
C GLN A 20 6.37 -0.21 5.93
N LEU A 21 6.03 0.36 4.78
CA LEU A 21 4.75 0.07 4.13
C LEU A 21 4.96 -0.28 2.66
N LEU A 22 4.06 -1.11 2.13
CA LEU A 22 4.15 -1.54 0.73
C LEU A 22 3.57 -0.47 -0.19
N MET A 23 4.03 -0.45 -1.43
CA MET A 23 3.55 0.51 -2.41
C MET A 23 2.92 -0.20 -3.61
N CYS A 24 1.83 0.37 -4.12
CA CYS A 24 1.13 -0.21 -5.26
C CYS A 24 1.73 0.28 -6.58
N ASP A 25 1.73 -0.59 -7.57
CA ASP A 25 2.29 -0.24 -8.88
C ASP A 25 1.18 0.23 -9.82
N THR A 26 0.26 1.04 -9.29
CA THR A 26 -0.85 1.56 -10.08
C THR A 26 -1.45 2.80 -9.43
N CYS A 27 -2.06 2.61 -8.26
CA CYS A 27 -2.68 3.72 -7.54
C CYS A 27 -1.67 4.37 -6.58
N SER A 28 -2.17 5.25 -5.73
CA SER A 28 -1.32 5.95 -4.77
C SER A 28 -1.75 5.63 -3.34
N ARG A 29 -1.74 4.35 -3.00
CA ARG A 29 -2.12 3.91 -1.66
C ARG A 29 -1.11 2.92 -1.10
N VAL A 30 -0.93 2.95 0.22
CA VAL A 30 0.01 2.06 0.89
C VAL A 30 -0.71 1.07 1.79
N TYR A 31 -0.14 -0.12 1.94
CA TYR A 31 -0.73 -1.15 2.77
C TYR A 31 0.35 -2.04 3.39
N HIS A 32 0.22 -2.31 4.68
CA HIS A 32 1.18 -3.14 5.39
C HIS A 32 1.29 -4.52 4.74
N LEU A 33 2.13 -5.38 5.31
CA LEU A 33 2.32 -6.72 4.77
C LEU A 33 1.37 -7.71 5.44
N ASP A 34 0.95 -7.38 6.65
CA ASP A 34 0.03 -8.24 7.39
C ASP A 34 -1.40 -7.70 7.31
N CYS A 35 -1.53 -6.42 7.00
CA CYS A 35 -2.83 -5.79 6.89
C CYS A 35 -3.29 -5.72 5.43
N LEU A 36 -3.38 -6.88 4.80
CA LEU A 36 -3.81 -6.96 3.41
C LEU A 36 -5.06 -7.83 3.27
N ASP A 37 -5.52 -7.99 2.04
CA ASP A 37 -6.70 -8.81 1.76
C ASP A 37 -6.61 -9.46 0.40
N PRO A 38 -6.15 -10.72 0.37
CA PRO A 38 -5.76 -11.45 1.58
C PRO A 38 -4.48 -10.89 2.20
N PRO A 39 -4.19 -11.32 3.44
CA PRO A 39 -2.99 -10.88 4.16
C PRO A 39 -1.70 -11.44 3.55
N LEU A 40 -0.60 -10.73 3.77
CA LEU A 40 0.70 -11.15 3.25
C LEU A 40 1.69 -11.41 4.37
N LYS A 41 2.90 -11.83 4.02
CA LYS A 41 3.93 -12.11 5.00
C LYS A 41 5.28 -11.57 4.53
N THR A 42 5.86 -12.23 3.52
CA THR A 42 7.14 -11.81 2.98
C THR A 42 6.97 -10.87 1.79
N ILE A 43 8.07 -10.57 1.12
CA ILE A 43 8.05 -9.68 -0.03
C ILE A 43 7.39 -10.36 -1.22
N PRO A 44 6.22 -9.83 -1.65
CA PRO A 44 5.48 -10.37 -2.78
C PRO A 44 6.17 -10.11 -4.11
N LYS A 45 7.11 -10.98 -4.45
CA LYS A 45 7.86 -10.85 -5.70
C LYS A 45 6.91 -10.70 -6.88
N GLY A 46 7.41 -10.13 -7.98
CA GLY A 46 6.59 -9.94 -9.17
C GLY A 46 5.68 -8.74 -9.06
N MET A 47 5.18 -8.27 -10.19
CA MET A 47 4.29 -7.11 -10.21
C MET A 47 3.12 -7.31 -9.25
N TRP A 48 3.19 -6.63 -8.11
CA TRP A 48 2.14 -6.73 -7.09
C TRP A 48 1.16 -5.57 -7.22
N ILE A 49 -0.11 -5.84 -6.92
CA ILE A 49 -1.14 -4.82 -6.99
C ILE A 49 -2.12 -4.95 -5.82
N CYS A 50 -2.33 -3.84 -5.12
CA CYS A 50 -3.24 -3.81 -3.98
C CYS A 50 -4.60 -4.37 -4.36
N PRO A 51 -5.32 -4.91 -3.37
CA PRO A 51 -6.66 -5.49 -3.59
C PRO A 51 -7.71 -4.42 -3.90
N ARG A 52 -7.34 -3.17 -3.69
CA ARG A 52 -8.25 -2.05 -3.96
C ARG A 52 -8.32 -1.75 -5.45
N CYS A 53 -7.27 -2.10 -6.17
CA CYS A 53 -7.20 -1.87 -7.60
C CYS A 53 -7.87 -3.01 -8.38
N GLN A 54 -7.45 -4.23 -8.09
CA GLN A 54 -8.01 -5.41 -8.76
C GLN A 54 -9.54 -5.40 -8.66
N ASP A 55 -10.06 -4.82 -7.58
CA ASP A 55 -11.50 -4.75 -7.38
C ASP A 55 -11.84 -3.76 -6.27
N GLN A 56 -13.13 -3.46 -6.14
CA GLN A 56 -13.59 -2.52 -5.12
C GLN A 56 -14.58 -3.18 -4.18
N GLY A 1 0.37 25.95 1.60
CA GLY A 1 -0.98 25.55 1.28
C GLY A 1 -1.15 24.04 1.20
N SER A 2 -2.28 23.60 0.68
CA SER A 2 -2.56 22.17 0.56
C SER A 2 -2.28 21.68 -0.86
N SER A 3 -1.10 22.01 -1.37
CA SER A 3 -0.72 21.60 -2.72
C SER A 3 0.25 20.42 -2.67
N GLY A 4 -0.11 19.40 -1.89
CA GLY A 4 0.73 18.22 -1.78
C GLY A 4 1.77 18.36 -0.68
N SER A 5 2.55 17.31 -0.46
CA SER A 5 3.58 17.31 0.56
C SER A 5 4.89 16.73 0.04
N SER A 6 4.81 15.53 -0.53
CA SER A 6 5.98 14.87 -1.07
C SER A 6 5.60 13.92 -2.20
N GLY A 7 4.53 13.16 -2.00
CA GLY A 7 4.07 12.24 -3.01
C GLY A 7 3.00 11.29 -2.49
N HIS A 8 3.27 10.00 -2.54
CA HIS A 8 2.32 9.00 -2.07
C HIS A 8 2.21 9.02 -0.55
N GLU A 9 1.22 8.31 -0.02
CA GLU A 9 1.01 8.25 1.42
C GLU A 9 2.23 7.67 2.13
N ASP A 10 2.11 7.46 3.44
CA ASP A 10 3.21 6.92 4.22
C ASP A 10 2.69 6.29 5.51
N PHE A 11 1.44 5.85 5.49
CA PHE A 11 0.82 5.22 6.66
C PHE A 11 -0.16 4.13 6.23
N CYS A 12 -0.16 3.03 6.98
CA CYS A 12 -1.04 1.91 6.68
C CYS A 12 -2.49 2.38 6.56
N SER A 13 -3.19 1.86 5.56
CA SER A 13 -4.59 2.21 5.33
C SER A 13 -5.53 1.23 6.00
N VAL A 14 -5.15 0.79 7.20
CA VAL A 14 -5.96 -0.16 7.95
C VAL A 14 -5.79 0.04 9.45
N CYS A 15 -4.55 0.18 9.89
CA CYS A 15 -4.24 0.37 11.30
C CYS A 15 -3.60 1.74 11.53
N ARG A 16 -2.97 2.28 10.49
CA ARG A 16 -2.33 3.58 10.58
C ARG A 16 -1.18 3.55 11.60
N LYS A 17 0.00 3.15 11.13
CA LYS A 17 1.17 3.08 11.99
C LYS A 17 2.43 3.52 11.23
N SER A 18 3.56 3.50 11.94
CA SER A 18 4.83 3.90 11.33
C SER A 18 5.73 2.70 11.09
N GLY A 19 6.63 2.81 10.12
CA GLY A 19 7.53 1.72 9.81
C GLY A 19 7.63 1.46 8.32
N GLN A 20 7.69 0.19 7.94
CA GLN A 20 7.79 -0.19 6.54
C GLN A 20 6.41 -0.47 5.95
N LEU A 21 6.12 0.15 4.81
CA LEU A 21 4.84 -0.04 4.14
C LEU A 21 5.03 -0.39 2.67
N LEU A 22 4.11 -1.16 2.12
CA LEU A 22 4.17 -1.56 0.72
C LEU A 22 3.58 -0.48 -0.18
N MET A 23 4.04 -0.46 -1.43
CA MET A 23 3.55 0.53 -2.40
C MET A 23 2.92 -0.17 -3.60
N CYS A 24 1.80 0.37 -4.06
CA CYS A 24 1.09 -0.20 -5.20
C CYS A 24 1.67 0.31 -6.52
N ASP A 25 1.68 -0.55 -7.53
CA ASP A 25 2.21 -0.18 -8.83
C ASP A 25 1.10 0.29 -9.76
N THR A 26 0.18 1.09 -9.22
CA THR A 26 -0.94 1.60 -10.00
C THR A 26 -1.54 2.84 -9.34
N CYS A 27 -2.14 2.65 -8.17
CA CYS A 27 -2.77 3.75 -7.44
C CYS A 27 -1.77 4.37 -6.46
N SER A 28 -2.26 5.25 -5.60
CA SER A 28 -1.43 5.92 -4.62
C SER A 28 -1.88 5.58 -3.19
N ARG A 29 -1.87 4.29 -2.88
CA ARG A 29 -2.27 3.83 -1.55
C ARG A 29 -1.28 2.81 -1.00
N VAL A 30 -0.89 2.99 0.25
CA VAL A 30 0.05 2.08 0.90
C VAL A 30 -0.67 1.11 1.83
N TYR A 31 -0.10 -0.09 1.97
CA TYR A 31 -0.69 -1.11 2.83
C TYR A 31 0.39 -2.01 3.42
N HIS A 32 0.28 -2.28 4.72
CA HIS A 32 1.25 -3.12 5.41
C HIS A 32 1.33 -4.50 4.77
N LEU A 33 2.18 -5.36 5.31
CA LEU A 33 2.34 -6.71 4.79
C LEU A 33 1.40 -7.68 5.47
N ASP A 34 1.00 -7.36 6.68
CA ASP A 34 0.08 -8.21 7.44
C ASP A 34 -1.35 -7.66 7.38
N CYS A 35 -1.46 -6.37 7.06
CA CYS A 35 -2.77 -5.73 6.98
C CYS A 35 -3.24 -5.66 5.53
N LEU A 36 -3.36 -6.82 4.90
CA LEU A 36 -3.81 -6.90 3.51
C LEU A 36 -5.06 -7.76 3.39
N ASP A 37 -5.54 -7.92 2.16
CA ASP A 37 -6.74 -8.73 1.91
C ASP A 37 -6.66 -9.38 0.53
N PRO A 38 -6.22 -10.64 0.49
CA PRO A 38 -5.81 -11.37 1.70
C PRO A 38 -4.52 -10.82 2.31
N PRO A 39 -4.20 -11.26 3.53
CA PRO A 39 -3.00 -10.83 4.24
C PRO A 39 -1.72 -11.39 3.61
N LEU A 40 -0.61 -10.69 3.82
CA LEU A 40 0.67 -11.11 3.27
C LEU A 40 1.68 -11.39 4.38
N LYS A 41 2.88 -11.80 4.00
CA LYS A 41 3.93 -12.10 4.97
C LYS A 41 5.27 -11.58 4.49
N THR A 42 5.83 -12.24 3.47
CA THR A 42 7.12 -11.85 2.92
C THR A 42 6.94 -10.91 1.73
N ILE A 43 8.03 -10.62 1.04
CA ILE A 43 8.00 -9.73 -0.12
C ILE A 43 7.32 -10.41 -1.31
N PRO A 44 6.16 -9.88 -1.71
CA PRO A 44 5.38 -10.42 -2.83
C PRO A 44 6.06 -10.17 -4.17
N LYS A 45 6.92 -11.10 -4.57
CA LYS A 45 7.65 -10.99 -5.84
C LYS A 45 6.68 -10.72 -6.98
N GLY A 46 7.23 -10.28 -8.12
CA GLY A 46 6.40 -10.00 -9.28
C GLY A 46 5.55 -8.75 -9.10
N MET A 47 5.08 -8.19 -10.20
CA MET A 47 4.25 -6.99 -10.17
C MET A 47 3.08 -7.18 -9.20
N TRP A 48 3.19 -6.59 -8.02
CA TRP A 48 2.13 -6.69 -7.01
C TRP A 48 1.14 -5.53 -7.14
N ILE A 49 -0.13 -5.81 -6.87
CA ILE A 49 -1.17 -4.79 -6.96
C ILE A 49 -2.15 -4.92 -5.80
N CYS A 50 -2.37 -3.82 -5.09
CA CYS A 50 -3.29 -3.81 -3.96
C CYS A 50 -4.65 -4.37 -4.36
N PRO A 51 -5.38 -4.92 -3.37
CA PRO A 51 -6.70 -5.49 -3.59
C PRO A 51 -7.75 -4.44 -3.91
N ARG A 52 -7.39 -3.17 -3.70
CA ARG A 52 -8.31 -2.07 -3.97
C ARG A 52 -8.37 -1.76 -5.46
N CYS A 53 -7.30 -2.12 -6.18
CA CYS A 53 -7.23 -1.88 -7.61
C CYS A 53 -7.89 -3.01 -8.38
N GLN A 54 -7.44 -4.23 -8.14
CA GLN A 54 -7.98 -5.40 -8.82
C GLN A 54 -9.51 -5.44 -8.69
N ASP A 55 -10.01 -4.93 -7.57
CA ASP A 55 -11.45 -4.91 -7.32
C ASP A 55 -11.91 -3.51 -6.92
N GLN A 56 -12.91 -2.99 -7.63
CA GLN A 56 -13.44 -1.67 -7.36
C GLN A 56 -14.70 -1.39 -8.17
N GLY A 1 13.51 23.71 -7.58
CA GLY A 1 14.00 23.38 -6.25
C GLY A 1 13.70 21.95 -5.87
N SER A 2 12.48 21.50 -6.14
CA SER A 2 12.06 20.14 -5.82
C SER A 2 10.73 19.80 -6.48
N SER A 3 10.66 18.63 -7.10
CA SER A 3 9.44 18.19 -7.76
C SER A 3 8.80 17.03 -7.01
N GLY A 4 7.50 16.86 -7.20
CA GLY A 4 6.78 15.79 -6.53
C GLY A 4 6.51 14.62 -7.45
N SER A 5 7.55 13.88 -7.81
CA SER A 5 7.42 12.73 -8.69
C SER A 5 6.58 11.65 -8.05
N SER A 6 6.64 11.56 -6.72
CA SER A 6 5.89 10.56 -5.97
C SER A 6 4.93 11.22 -4.98
N GLY A 7 3.70 10.72 -4.92
CA GLY A 7 2.71 11.27 -4.02
C GLY A 7 1.97 10.20 -3.26
N HIS A 8 2.67 9.13 -2.89
CA HIS A 8 2.06 8.03 -2.15
C HIS A 8 2.11 8.29 -0.65
N GLU A 9 1.08 7.85 0.05
CA GLU A 9 1.01 8.03 1.50
C GLU A 9 2.20 7.39 2.20
N ASP A 10 2.21 7.45 3.52
CA ASP A 10 3.30 6.89 4.30
C ASP A 10 2.77 6.25 5.59
N PHE A 11 1.51 5.83 5.56
CA PHE A 11 0.88 5.20 6.71
C PHE A 11 -0.13 4.13 6.28
N CYS A 12 -0.15 3.03 7.03
CA CYS A 12 -1.06 1.94 6.72
C CYS A 12 -2.50 2.44 6.57
N SER A 13 -3.19 1.94 5.56
CA SER A 13 -4.58 2.33 5.30
C SER A 13 -5.55 1.35 5.96
N VAL A 14 -5.20 0.89 7.16
CA VAL A 14 -6.05 -0.05 7.88
C VAL A 14 -5.88 0.13 9.39
N CYS A 15 -4.64 0.23 9.83
CA CYS A 15 -4.35 0.39 11.25
C CYS A 15 -3.68 1.74 11.52
N ARG A 16 -3.04 2.29 10.48
CA ARG A 16 -2.36 3.58 10.60
C ARG A 16 -1.22 3.50 11.61
N LYS A 17 -0.07 3.01 11.15
CA LYS A 17 1.10 2.87 12.01
C LYS A 17 2.38 3.20 11.24
N SER A 18 3.45 3.47 11.97
CA SER A 18 4.73 3.80 11.35
C SER A 18 5.49 2.54 10.95
N GLY A 19 6.62 2.72 10.30
CA GLY A 19 7.42 1.59 9.86
C GLY A 19 7.45 1.44 8.36
N GLN A 20 7.81 0.25 7.88
CA GLN A 20 7.88 -0.01 6.45
C GLN A 20 6.51 -0.37 5.89
N LEU A 21 6.15 0.23 4.77
CA LEU A 21 4.86 -0.03 4.12
C LEU A 21 5.05 -0.34 2.65
N LEU A 22 4.14 -1.16 2.11
CA LEU A 22 4.20 -1.55 0.71
C LEU A 22 3.58 -0.48 -0.17
N MET A 23 4.02 -0.42 -1.43
CA MET A 23 3.50 0.56 -2.38
C MET A 23 2.90 -0.13 -3.60
N CYS A 24 1.73 0.36 -4.03
CA CYS A 24 1.05 -0.21 -5.18
C CYS A 24 1.69 0.27 -6.49
N ASP A 25 1.70 -0.60 -7.49
CA ASP A 25 2.28 -0.26 -8.79
C ASP A 25 1.20 0.24 -9.75
N THR A 26 0.27 1.03 -9.22
CA THR A 26 -0.81 1.59 -10.02
C THR A 26 -1.40 2.83 -9.37
N CYS A 27 -2.04 2.65 -8.23
CA CYS A 27 -2.65 3.75 -7.50
C CYS A 27 -1.67 4.37 -6.51
N SER A 28 -2.18 5.25 -5.65
CA SER A 28 -1.34 5.91 -4.66
C SER A 28 -1.80 5.59 -3.25
N ARG A 29 -1.70 4.32 -2.87
CA ARG A 29 -2.12 3.88 -1.54
C ARG A 29 -1.15 2.84 -0.99
N VAL A 30 -0.79 2.99 0.28
CA VAL A 30 0.12 2.06 0.94
C VAL A 30 -0.62 1.11 1.84
N TYR A 31 -0.08 -0.10 2.00
CA TYR A 31 -0.70 -1.12 2.84
C TYR A 31 0.36 -2.03 3.46
N HIS A 32 0.22 -2.29 4.75
CA HIS A 32 1.16 -3.16 5.46
C HIS A 32 1.24 -4.53 4.80
N LEU A 33 2.06 -5.41 5.37
CA LEU A 33 2.22 -6.76 4.84
C LEU A 33 1.24 -7.72 5.50
N ASP A 34 0.81 -7.39 6.72
CA ASP A 34 -0.12 -8.21 7.46
C ASP A 34 -1.53 -7.65 7.38
N CYS A 35 -1.63 -6.36 7.06
CA CYS A 35 -2.92 -5.69 6.96
C CYS A 35 -3.38 -5.62 5.50
N LEU A 36 -3.49 -6.77 4.86
CA LEU A 36 -3.92 -6.85 3.48
C LEU A 36 -5.18 -7.69 3.33
N ASP A 37 -5.65 -7.86 2.10
CA ASP A 37 -6.86 -8.64 1.84
C ASP A 37 -6.78 -9.30 0.46
N PRO A 38 -6.35 -10.57 0.44
CA PRO A 38 -5.98 -11.29 1.65
C PRO A 38 -4.68 -10.77 2.27
N PRO A 39 -4.39 -11.21 3.51
CA PRO A 39 -3.19 -10.79 4.22
C PRO A 39 -1.92 -11.37 3.61
N LEU A 40 -0.79 -10.69 3.83
CA LEU A 40 0.48 -11.14 3.31
C LEU A 40 1.47 -11.43 4.44
N LYS A 41 2.67 -11.87 4.08
CA LYS A 41 3.70 -12.19 5.05
C LYS A 41 5.07 -11.70 4.59
N THR A 42 5.61 -12.36 3.58
CA THR A 42 6.92 -11.99 3.04
C THR A 42 6.78 -11.03 1.86
N ILE A 43 7.89 -10.76 1.17
CA ILE A 43 7.88 -9.88 0.02
C ILE A 43 7.20 -10.54 -1.17
N PRO A 44 6.06 -9.98 -1.59
CA PRO A 44 5.28 -10.50 -2.72
C PRO A 44 5.99 -10.25 -4.05
N LYS A 45 6.88 -11.17 -4.42
CA LYS A 45 7.62 -11.07 -5.66
C LYS A 45 6.68 -10.83 -6.84
N GLY A 46 7.22 -10.34 -7.95
CA GLY A 46 6.41 -10.08 -9.13
C GLY A 46 5.55 -8.85 -8.99
N MET A 47 5.08 -8.32 -10.12
CA MET A 47 4.24 -7.13 -10.10
C MET A 47 3.05 -7.30 -9.15
N TRP A 48 3.15 -6.67 -7.99
CA TRP A 48 2.09 -6.76 -6.99
C TRP A 48 1.13 -5.58 -7.11
N ILE A 49 -0.14 -5.83 -6.82
CA ILE A 49 -1.16 -4.78 -6.90
C ILE A 49 -2.16 -4.91 -5.75
N CYS A 50 -2.38 -3.80 -5.06
CA CYS A 50 -3.32 -3.78 -3.93
C CYS A 50 -4.67 -4.35 -4.34
N PRO A 51 -5.40 -4.89 -3.35
CA PRO A 51 -6.73 -5.48 -3.59
C PRO A 51 -7.78 -4.42 -3.93
N ARG A 52 -7.44 -3.16 -3.72
CA ARG A 52 -8.34 -2.06 -4.00
C ARG A 52 -8.39 -1.76 -5.50
N CYS A 53 -7.32 -2.12 -6.20
CA CYS A 53 -7.23 -1.89 -7.63
C CYS A 53 -7.88 -3.04 -8.40
N GLN A 54 -7.43 -4.26 -8.13
CA GLN A 54 -7.97 -5.44 -8.80
C GLN A 54 -9.50 -5.47 -8.71
N ASP A 55 -10.03 -4.94 -7.60
CA ASP A 55 -11.47 -4.91 -7.40
C ASP A 55 -12.02 -3.51 -7.63
N GLN A 56 -12.76 -3.33 -8.71
CA GLN A 56 -13.35 -2.03 -9.04
C GLN A 56 -12.27 -0.95 -9.09
N GLY A 1 1.15 22.50 2.13
CA GLY A 1 0.86 21.09 1.98
C GLY A 1 2.11 20.25 1.91
N SER A 2 2.45 19.77 0.71
CA SER A 2 3.63 18.95 0.52
C SER A 2 3.60 17.72 1.43
N SER A 3 2.40 17.21 1.66
CA SER A 3 2.21 16.04 2.52
C SER A 3 2.98 14.84 1.96
N GLY A 4 3.92 14.33 2.75
CA GLY A 4 4.70 13.18 2.32
C GLY A 4 6.02 13.59 1.70
N SER A 5 6.56 12.73 0.84
CA SER A 5 7.84 13.00 0.18
C SER A 5 7.63 13.22 -1.31
N SER A 6 6.83 12.36 -1.93
CA SER A 6 6.55 12.45 -3.36
C SER A 6 5.42 11.51 -3.76
N GLY A 7 4.19 11.99 -3.64
CA GLY A 7 3.04 11.17 -4.00
C GLY A 7 2.81 10.03 -3.04
N HIS A 8 1.67 9.37 -3.15
CA HIS A 8 1.34 8.24 -2.28
C HIS A 8 1.34 8.68 -0.82
N GLU A 9 1.02 7.74 0.07
CA GLU A 9 0.98 8.04 1.50
C GLU A 9 2.19 7.43 2.21
N ASP A 10 2.19 7.49 3.54
CA ASP A 10 3.29 6.95 4.33
C ASP A 10 2.76 6.32 5.62
N PHE A 11 1.51 5.87 5.58
CA PHE A 11 0.89 5.25 6.74
C PHE A 11 -0.10 4.16 6.31
N CYS A 12 -0.09 3.05 7.04
CA CYS A 12 -0.98 1.93 6.74
C CYS A 12 -2.42 2.41 6.63
N SER A 13 -3.14 1.88 5.64
CA SER A 13 -4.53 2.24 5.42
C SER A 13 -5.47 1.26 6.10
N VAL A 14 -5.07 0.78 7.27
CA VAL A 14 -5.88 -0.18 8.03
C VAL A 14 -5.70 0.02 9.53
N CYS A 15 -4.45 0.18 9.96
CA CYS A 15 -4.14 0.38 11.37
C CYS A 15 -3.52 1.75 11.61
N ARG A 16 -2.90 2.30 10.57
CA ARG A 16 -2.27 3.61 10.66
C ARG A 16 -1.13 3.59 11.69
N LYS A 17 0.05 3.16 11.25
CA LYS A 17 1.22 3.09 12.12
C LYS A 17 2.48 3.48 11.37
N SER A 18 3.61 3.47 12.07
CA SER A 18 4.89 3.83 11.47
C SER A 18 5.72 2.58 11.19
N GLY A 19 6.63 2.69 10.22
CA GLY A 19 7.47 1.56 9.87
C GLY A 19 7.57 1.35 8.37
N GLN A 20 7.68 0.09 7.96
CA GLN A 20 7.78 -0.24 6.55
C GLN A 20 6.40 -0.51 5.96
N LEU A 21 6.11 0.12 4.82
CA LEU A 21 4.83 -0.06 4.16
C LEU A 21 5.02 -0.40 2.67
N LEU A 22 4.08 -1.14 2.12
CA LEU A 22 4.14 -1.53 0.72
C LEU A 22 3.51 -0.47 -0.18
N MET A 23 3.95 -0.42 -1.43
CA MET A 23 3.42 0.55 -2.38
C MET A 23 2.80 -0.15 -3.58
N CYS A 24 1.73 0.43 -4.12
CA CYS A 24 1.04 -0.14 -5.27
C CYS A 24 1.66 0.34 -6.57
N ASP A 25 1.67 -0.53 -7.58
CA ASP A 25 2.23 -0.19 -8.88
C ASP A 25 1.15 0.32 -9.83
N THR A 26 0.22 1.11 -9.29
CA THR A 26 -0.86 1.65 -10.10
C THR A 26 -1.45 2.89 -9.43
N CYS A 27 -2.10 2.69 -8.29
CA CYS A 27 -2.72 3.80 -7.55
C CYS A 27 -1.73 4.42 -6.58
N SER A 28 -2.23 5.29 -5.71
CA SER A 28 -1.39 5.96 -4.73
C SER A 28 -1.84 5.63 -3.31
N ARG A 29 -1.63 4.38 -2.91
CA ARG A 29 -2.02 3.92 -1.58
C ARG A 29 -1.01 2.91 -1.04
N VAL A 30 -0.79 2.95 0.27
CA VAL A 30 0.14 2.03 0.91
C VAL A 30 -0.59 1.07 1.84
N TYR A 31 -0.03 -0.14 2.00
CA TYR A 31 -0.63 -1.14 2.86
C TYR A 31 0.44 -2.05 3.46
N HIS A 32 0.33 -2.31 4.76
CA HIS A 32 1.28 -3.17 5.45
C HIS A 32 1.35 -4.54 4.80
N LEU A 33 2.19 -5.42 5.36
CA LEU A 33 2.35 -6.76 4.83
C LEU A 33 1.37 -7.73 5.51
N ASP A 34 0.98 -7.39 6.73
CA ASP A 34 0.05 -8.23 7.49
C ASP A 34 -1.36 -7.66 7.43
N CYS A 35 -1.46 -6.38 7.09
CA CYS A 35 -2.76 -5.72 7.00
C CYS A 35 -3.24 -5.64 5.56
N LEU A 36 -3.37 -6.81 4.92
CA LEU A 36 -3.81 -6.89 3.54
C LEU A 36 -5.07 -7.73 3.42
N ASP A 37 -5.55 -7.90 2.19
CA ASP A 37 -6.75 -8.68 1.94
C ASP A 37 -6.70 -9.34 0.56
N PRO A 38 -6.26 -10.61 0.54
CA PRO A 38 -5.87 -11.34 1.75
C PRO A 38 -4.57 -10.81 2.35
N PRO A 39 -4.26 -11.24 3.58
CA PRO A 39 -3.05 -10.82 4.30
C PRO A 39 -1.79 -11.40 3.67
N LEU A 40 -0.67 -10.71 3.87
CA LEU A 40 0.61 -11.16 3.33
C LEU A 40 1.61 -11.44 4.45
N LYS A 41 2.81 -11.87 4.07
CA LYS A 41 3.85 -12.19 5.04
C LYS A 41 5.20 -11.67 4.56
N THR A 42 5.75 -12.33 3.55
CA THR A 42 7.05 -11.93 3.00
C THR A 42 6.88 -10.99 1.82
N ILE A 43 7.98 -10.70 1.13
CA ILE A 43 7.96 -9.81 -0.02
C ILE A 43 7.27 -10.47 -1.21
N PRO A 44 6.11 -9.92 -1.62
CA PRO A 44 5.34 -10.44 -2.74
C PRO A 44 6.03 -10.18 -4.08
N LYS A 45 6.90 -11.10 -4.47
CA LYS A 45 7.62 -10.98 -5.73
C LYS A 45 6.67 -10.73 -6.89
N GLY A 46 7.21 -10.29 -8.02
CA GLY A 46 6.39 -10.02 -9.18
C GLY A 46 5.55 -8.77 -9.02
N MET A 47 5.08 -8.23 -10.14
CA MET A 47 4.25 -7.03 -10.11
C MET A 47 3.07 -7.20 -9.15
N TRP A 48 3.18 -6.59 -7.98
CA TRP A 48 2.12 -6.67 -6.98
C TRP A 48 1.16 -5.49 -7.10
N ILE A 49 -0.12 -5.75 -6.82
CA ILE A 49 -1.14 -4.71 -6.90
C ILE A 49 -2.13 -4.83 -5.75
N CYS A 50 -2.37 -3.71 -5.06
CA CYS A 50 -3.30 -3.69 -3.94
C CYS A 50 -4.65 -4.28 -4.34
N PRO A 51 -5.38 -4.82 -3.35
CA PRO A 51 -6.69 -5.42 -3.57
C PRO A 51 -7.75 -4.39 -3.93
N ARG A 52 -7.43 -3.11 -3.72
CA ARG A 52 -8.35 -2.03 -4.01
C ARG A 52 -8.39 -1.75 -5.52
N CYS A 53 -7.33 -2.11 -6.22
CA CYS A 53 -7.24 -1.90 -7.65
C CYS A 53 -7.88 -3.06 -8.42
N GLN A 54 -7.42 -4.27 -8.13
CA GLN A 54 -7.94 -5.46 -8.79
C GLN A 54 -9.46 -5.52 -8.68
N ASP A 55 -10.00 -4.95 -7.61
CA ASP A 55 -11.44 -4.93 -7.39
C ASP A 55 -11.98 -6.34 -7.24
N GLN A 56 -11.63 -7.00 -6.14
CA GLN A 56 -12.08 -8.36 -5.88
C GLN A 56 -11.62 -9.31 -6.98
N GLY A 1 -0.60 24.92 2.14
CA GLY A 1 -1.55 23.96 2.66
C GLY A 1 -0.90 22.65 3.07
N SER A 2 -1.57 21.55 2.79
CA SER A 2 -1.05 20.22 3.12
C SER A 2 -1.00 19.33 1.88
N SER A 3 -0.18 19.72 0.91
CA SER A 3 -0.05 18.96 -0.33
C SER A 3 1.25 19.32 -1.05
N GLY A 4 1.80 18.37 -1.79
CA GLY A 4 3.02 18.61 -2.52
C GLY A 4 4.26 18.34 -1.68
N SER A 5 4.30 17.19 -1.02
CA SER A 5 5.43 16.83 -0.18
C SER A 5 6.18 15.63 -0.76
N SER A 6 5.44 14.73 -1.39
CA SER A 6 6.04 13.54 -1.99
C SER A 6 5.10 12.92 -3.02
N GLY A 7 3.85 12.69 -2.61
CA GLY A 7 2.88 12.10 -3.50
C GLY A 7 2.07 11.01 -2.83
N HIS A 8 2.67 9.82 -2.73
CA HIS A 8 2.00 8.68 -2.10
C HIS A 8 1.96 8.84 -0.59
N GLU A 9 1.01 8.15 0.05
CA GLU A 9 0.86 8.23 1.50
C GLU A 9 2.09 7.66 2.21
N ASP A 10 1.98 7.48 3.52
CA ASP A 10 3.08 6.95 4.31
C ASP A 10 2.56 6.30 5.58
N PHE A 11 1.31 5.85 5.56
CA PHE A 11 0.70 5.21 6.71
C PHE A 11 -0.27 4.11 6.28
N CYS A 12 -0.27 3.01 7.01
CA CYS A 12 -1.15 1.88 6.71
C CYS A 12 -2.60 2.36 6.57
N SER A 13 -3.29 1.83 5.57
CA SER A 13 -4.68 2.19 5.32
C SER A 13 -5.63 1.19 5.99
N VAL A 14 -5.26 0.73 7.18
CA VAL A 14 -6.07 -0.24 7.91
C VAL A 14 -5.89 -0.06 9.41
N CYS A 15 -4.64 0.07 9.85
CA CYS A 15 -4.33 0.24 11.27
C CYS A 15 -3.70 1.61 11.52
N ARG A 16 -3.11 2.19 10.48
CA ARG A 16 -2.47 3.50 10.60
C ARG A 16 -1.30 3.45 11.57
N LYS A 17 -0.17 2.92 11.09
CA LYS A 17 1.02 2.81 11.91
C LYS A 17 2.28 3.08 11.09
N SER A 18 3.11 4.00 11.58
CA SER A 18 4.35 4.36 10.89
C SER A 18 5.20 3.12 10.62
N GLY A 19 6.31 3.31 9.91
CA GLY A 19 7.19 2.21 9.60
C GLY A 19 7.22 1.88 8.13
N GLN A 20 7.81 0.74 7.79
CA GLN A 20 7.91 0.31 6.40
C GLN A 20 6.55 -0.12 5.86
N LEU A 21 6.16 0.42 4.72
CA LEU A 21 4.88 0.08 4.11
C LEU A 21 5.06 -0.30 2.64
N LEU A 22 4.14 -1.10 2.12
CA LEU A 22 4.19 -1.54 0.73
C LEU A 22 3.60 -0.47 -0.20
N MET A 23 4.05 -0.47 -1.44
CA MET A 23 3.57 0.49 -2.43
C MET A 23 2.93 -0.22 -3.61
N CYS A 24 1.84 0.35 -4.13
CA CYS A 24 1.13 -0.22 -5.26
C CYS A 24 1.71 0.29 -6.58
N ASP A 25 1.71 -0.58 -7.59
CA ASP A 25 2.23 -0.22 -8.90
C ASP A 25 1.10 0.24 -9.82
N THR A 26 0.18 1.02 -9.27
CA THR A 26 -0.95 1.52 -10.05
C THR A 26 -1.55 2.77 -9.40
N CYS A 27 -2.13 2.59 -8.21
CA CYS A 27 -2.74 3.69 -7.49
C CYS A 27 -1.73 4.37 -6.57
N SER A 28 -2.22 5.25 -5.71
CA SER A 28 -1.36 5.96 -4.77
C SER A 28 -1.75 5.66 -3.32
N ARG A 29 -1.75 4.39 -2.96
CA ARG A 29 -2.10 3.97 -1.62
C ARG A 29 -1.08 2.99 -1.06
N VAL A 30 -0.94 2.98 0.26
CA VAL A 30 0.01 2.10 0.93
C VAL A 30 -0.71 1.10 1.84
N TYR A 31 -0.14 -0.09 1.97
CA TYR A 31 -0.73 -1.13 2.81
C TYR A 31 0.35 -2.02 3.41
N HIS A 32 0.23 -2.29 4.70
CA HIS A 32 1.20 -3.13 5.40
C HIS A 32 1.29 -4.51 4.74
N LEU A 33 2.14 -5.37 5.29
CA LEU A 33 2.33 -6.71 4.76
C LEU A 33 1.38 -7.70 5.43
N ASP A 34 0.97 -7.38 6.66
CA ASP A 34 0.05 -8.23 7.41
C ASP A 34 -1.37 -7.70 7.35
N CYS A 35 -1.50 -6.41 7.03
CA CYS A 35 -2.81 -5.78 6.93
C CYS A 35 -3.28 -5.71 5.48
N LEU A 36 -3.38 -6.87 4.84
CA LEU A 36 -3.81 -6.94 3.46
C LEU A 36 -5.07 -7.81 3.33
N ASP A 37 -5.53 -7.98 2.09
CA ASP A 37 -6.72 -8.79 1.83
C ASP A 37 -6.64 -9.44 0.46
N PRO A 38 -6.18 -10.69 0.42
CA PRO A 38 -5.78 -11.42 1.63
C PRO A 38 -4.49 -10.87 2.24
N PRO A 39 -4.19 -11.31 3.46
CA PRO A 39 -2.99 -10.87 4.19
C PRO A 39 -1.71 -11.42 3.56
N LEU A 40 -0.60 -10.72 3.78
CA LEU A 40 0.68 -11.14 3.24
C LEU A 40 1.68 -11.39 4.36
N LYS A 41 2.89 -11.81 3.99
CA LYS A 41 3.95 -12.09 4.96
C LYS A 41 5.28 -11.56 4.49
N THR A 42 5.85 -12.22 3.47
CA THR A 42 7.14 -11.82 2.93
C THR A 42 6.96 -10.88 1.73
N ILE A 43 8.05 -10.58 1.04
CA ILE A 43 8.02 -9.70 -0.12
C ILE A 43 7.35 -10.39 -1.30
N PRO A 44 6.18 -9.87 -1.71
CA PRO A 44 5.42 -10.41 -2.84
C PRO A 44 6.11 -10.17 -4.18
N LYS A 45 6.99 -11.10 -4.57
CA LYS A 45 7.71 -10.97 -5.82
C LYS A 45 6.75 -10.73 -6.99
N GLY A 46 7.29 -10.25 -8.10
CA GLY A 46 6.46 -9.99 -9.27
C GLY A 46 5.60 -8.76 -9.10
N MET A 47 5.13 -8.22 -10.22
CA MET A 47 4.28 -7.03 -10.19
C MET A 47 3.11 -7.22 -9.23
N TRP A 48 3.20 -6.61 -8.07
CA TRP A 48 2.15 -6.71 -7.05
C TRP A 48 1.15 -5.57 -7.20
N ILE A 49 -0.11 -5.86 -6.90
CA ILE A 49 -1.16 -4.84 -6.99
C ILE A 49 -2.14 -4.97 -5.83
N CYS A 50 -2.35 -3.87 -5.12
CA CYS A 50 -3.26 -3.85 -3.99
C CYS A 50 -4.62 -4.39 -4.37
N PRO A 51 -5.35 -4.93 -3.39
CA PRO A 51 -6.68 -5.50 -3.60
C PRO A 51 -7.73 -4.44 -3.92
N ARG A 52 -7.37 -3.18 -3.70
CA ARG A 52 -8.27 -2.07 -3.96
C ARG A 52 -8.33 -1.75 -5.46
N CYS A 53 -7.27 -2.12 -6.17
CA CYS A 53 -7.20 -1.87 -7.60
C CYS A 53 -7.88 -3.00 -8.38
N GLN A 54 -7.46 -4.23 -8.10
CA GLN A 54 -8.03 -5.40 -8.78
C GLN A 54 -9.55 -5.39 -8.69
N ASP A 55 -10.07 -4.83 -7.61
CA ASP A 55 -11.51 -4.77 -7.40
C ASP A 55 -12.13 -3.67 -8.27
N GLN A 56 -13.23 -4.01 -8.94
CA GLN A 56 -13.92 -3.07 -9.81
C GLN A 56 -12.95 -2.43 -10.81
N GLY A 1 -8.46 20.59 0.87
CA GLY A 1 -8.34 19.40 0.07
C GLY A 1 -6.98 18.73 0.20
N SER A 2 -6.34 18.48 -0.94
CA SER A 2 -5.03 17.84 -0.94
C SER A 2 -4.32 18.08 -2.27
N SER A 3 -3.33 18.97 -2.25
CA SER A 3 -2.57 19.30 -3.45
C SER A 3 -1.29 20.04 -3.09
N GLY A 4 -0.26 19.87 -3.92
CA GLY A 4 1.01 20.53 -3.68
C GLY A 4 2.02 19.63 -3.01
N SER A 5 2.15 18.41 -3.54
CA SER A 5 3.09 17.44 -2.98
C SER A 5 3.46 16.38 -4.02
N SER A 6 4.64 15.79 -3.87
CA SER A 6 5.11 14.77 -4.80
C SER A 6 5.37 13.46 -4.06
N GLY A 7 4.40 12.55 -4.10
CA GLY A 7 4.54 11.26 -3.44
C GLY A 7 3.23 10.76 -2.87
N HIS A 8 3.17 9.45 -2.61
CA HIS A 8 1.97 8.85 -2.05
C HIS A 8 1.96 8.94 -0.53
N GLU A 9 1.00 8.27 0.11
CA GLU A 9 0.89 8.29 1.56
C GLU A 9 2.12 7.64 2.20
N ASP A 10 2.05 7.46 3.52
CA ASP A 10 3.16 6.85 4.25
C ASP A 10 2.65 6.20 5.54
N PHE A 11 1.40 5.77 5.52
CA PHE A 11 0.79 5.13 6.69
C PHE A 11 -0.20 4.05 6.26
N CYS A 12 -0.21 2.93 6.99
CA CYS A 12 -1.11 1.84 6.69
C CYS A 12 -2.55 2.32 6.58
N SER A 13 -3.27 1.82 5.59
CA SER A 13 -4.66 2.21 5.37
C SER A 13 -5.61 1.22 6.04
N VAL A 14 -5.23 0.75 7.22
CA VAL A 14 -6.05 -0.20 7.97
C VAL A 14 -5.85 -0.03 9.47
N CYS A 15 -4.60 0.08 9.89
CA CYS A 15 -4.28 0.24 11.31
C CYS A 15 -3.63 1.60 11.55
N ARG A 16 -3.00 2.15 10.52
CA ARG A 16 -2.33 3.44 10.63
C ARG A 16 -1.17 3.37 11.61
N LYS A 17 -0.01 2.94 11.12
CA LYS A 17 1.18 2.82 11.96
C LYS A 17 2.43 3.23 11.18
N SER A 18 3.58 3.20 11.85
CA SER A 18 4.84 3.56 11.23
C SER A 18 5.66 2.33 10.89
N GLY A 19 6.82 2.54 10.28
CA GLY A 19 7.67 1.43 9.90
C GLY A 19 7.78 1.25 8.40
N GLN A 20 7.73 0.01 7.94
CA GLN A 20 7.82 -0.29 6.52
C GLN A 20 6.45 -0.58 5.93
N LEU A 21 6.15 0.05 4.80
CA LEU A 21 4.86 -0.15 4.13
C LEU A 21 5.06 -0.48 2.65
N LEU A 22 4.10 -1.21 2.08
CA LEU A 22 4.17 -1.59 0.69
C LEU A 22 3.56 -0.52 -0.21
N MET A 23 4.03 -0.44 -1.44
CA MET A 23 3.52 0.54 -2.40
C MET A 23 2.89 -0.14 -3.60
N CYS A 24 1.77 0.41 -4.06
CA CYS A 24 1.07 -0.15 -5.21
C CYS A 24 1.67 0.36 -6.52
N ASP A 25 1.68 -0.50 -7.53
CA ASP A 25 2.21 -0.14 -8.84
C ASP A 25 1.12 0.34 -9.78
N THR A 26 0.21 1.15 -9.25
CA THR A 26 -0.89 1.69 -10.03
C THR A 26 -1.51 2.91 -9.36
N CYS A 27 -2.14 2.70 -8.22
CA CYS A 27 -2.77 3.78 -7.48
C CYS A 27 -1.79 4.42 -6.49
N SER A 28 -2.30 5.27 -5.62
CA SER A 28 -1.47 5.94 -4.62
C SER A 28 -1.92 5.59 -3.21
N ARG A 29 -1.88 4.31 -2.88
CA ARG A 29 -2.29 3.85 -1.56
C ARG A 29 -1.28 2.83 -1.01
N VAL A 30 -0.93 2.99 0.26
CA VAL A 30 0.02 2.09 0.91
C VAL A 30 -0.71 1.08 1.81
N TYR A 31 -0.13 -0.11 1.94
CA TYR A 31 -0.72 -1.15 2.77
C TYR A 31 0.36 -2.04 3.37
N HIS A 32 0.24 -2.32 4.66
CA HIS A 32 1.20 -3.18 5.35
C HIS A 32 1.32 -4.54 4.69
N LEU A 33 2.17 -5.40 5.23
CA LEU A 33 2.36 -6.74 4.69
C LEU A 33 1.41 -7.73 5.35
N ASP A 34 0.98 -7.42 6.56
CA ASP A 34 0.06 -8.29 7.30
C ASP A 34 -1.37 -7.75 7.23
N CYS A 35 -1.49 -6.46 6.95
CA CYS A 35 -2.80 -5.82 6.86
C CYS A 35 -3.26 -5.74 5.41
N LEU A 36 -3.35 -6.90 4.75
CA LEU A 36 -3.79 -6.96 3.36
C LEU A 36 -5.03 -7.83 3.22
N ASP A 37 -5.50 -7.99 1.99
CA ASP A 37 -6.68 -8.79 1.72
C ASP A 37 -6.59 -9.43 0.33
N PRO A 38 -6.14 -10.69 0.29
CA PRO A 38 -5.73 -11.43 1.49
C PRO A 38 -4.45 -10.88 2.10
N PRO A 39 -4.14 -11.33 3.33
CA PRO A 39 -2.95 -10.89 4.06
C PRO A 39 -1.66 -11.44 3.43
N LEU A 40 -0.54 -10.81 3.77
CA LEU A 40 0.76 -11.23 3.24
C LEU A 40 1.76 -11.44 4.37
N LYS A 41 2.97 -11.86 4.00
CA LYS A 41 4.03 -12.08 4.98
C LYS A 41 5.35 -11.54 4.48
N THR A 42 5.93 -12.22 3.49
CA THR A 42 7.21 -11.81 2.92
C THR A 42 7.01 -10.91 1.71
N ILE A 43 8.09 -10.61 1.00
CA ILE A 43 8.04 -9.76 -0.18
C ILE A 43 7.37 -10.50 -1.34
N PRO A 44 6.20 -10.00 -1.75
CA PRO A 44 5.44 -10.58 -2.86
C PRO A 44 6.12 -10.37 -4.22
N LYS A 45 6.92 -11.34 -4.64
CA LYS A 45 7.62 -11.25 -5.91
C LYS A 45 6.65 -10.92 -7.05
N GLY A 46 7.19 -10.37 -8.13
CA GLY A 46 6.36 -10.01 -9.27
C GLY A 46 5.56 -8.75 -9.03
N MET A 47 5.12 -8.12 -10.12
CA MET A 47 4.33 -6.89 -10.01
C MET A 47 3.15 -7.08 -9.07
N TRP A 48 3.25 -6.49 -7.88
CA TRP A 48 2.19 -6.59 -6.88
C TRP A 48 1.20 -5.44 -7.02
N ILE A 49 -0.08 -5.72 -6.77
CA ILE A 49 -1.12 -4.70 -6.87
C ILE A 49 -2.11 -4.83 -5.72
N CYS A 50 -2.34 -3.72 -5.03
CA CYS A 50 -3.28 -3.70 -3.90
C CYS A 50 -4.62 -4.29 -4.31
N PRO A 51 -5.35 -4.83 -3.33
CA PRO A 51 -6.66 -5.44 -3.55
C PRO A 51 -7.73 -4.40 -3.90
N ARG A 52 -7.40 -3.13 -3.68
CA ARG A 52 -8.33 -2.04 -3.98
C ARG A 52 -8.37 -1.75 -5.47
N CYS A 53 -7.30 -2.10 -6.17
CA CYS A 53 -7.21 -1.87 -7.61
C CYS A 53 -7.85 -3.03 -8.38
N GLN A 54 -7.41 -4.24 -8.08
CA GLN A 54 -7.93 -5.44 -8.73
C GLN A 54 -9.45 -5.47 -8.67
N ASP A 55 -10.01 -4.89 -7.61
CA ASP A 55 -11.45 -4.86 -7.44
C ASP A 55 -11.98 -3.44 -7.63
N GLN A 56 -13.29 -3.33 -7.86
CA GLN A 56 -13.92 -2.03 -8.06
C GLN A 56 -14.12 -1.31 -6.73
N GLY A 1 -6.73 18.00 -5.34
CA GLY A 1 -5.78 19.06 -5.04
C GLY A 1 -5.00 19.50 -6.26
N SER A 2 -4.71 20.79 -6.34
CA SER A 2 -3.96 21.34 -7.46
C SER A 2 -2.50 20.90 -7.41
N SER A 3 -1.92 20.94 -6.22
CA SER A 3 -0.52 20.56 -6.03
C SER A 3 -0.43 19.22 -5.28
N GLY A 4 0.68 18.52 -5.49
CA GLY A 4 0.88 17.25 -4.83
C GLY A 4 2.26 16.67 -5.07
N SER A 5 3.28 17.46 -4.78
CA SER A 5 4.67 17.03 -4.98
C SER A 5 5.11 16.10 -3.85
N SER A 6 4.72 14.83 -3.96
CA SER A 6 5.07 13.83 -2.95
C SER A 6 5.11 12.44 -3.57
N GLY A 7 5.22 11.43 -2.71
CA GLY A 7 5.26 10.05 -3.18
C GLY A 7 4.26 9.17 -2.47
N HIS A 8 2.97 9.39 -2.72
CA HIS A 8 1.93 8.60 -2.10
C HIS A 8 1.95 8.77 -0.58
N GLU A 9 1.01 8.12 0.10
CA GLU A 9 0.92 8.20 1.55
C GLU A 9 2.15 7.58 2.20
N ASP A 10 2.14 7.50 3.52
CA ASP A 10 3.25 6.93 4.27
C ASP A 10 2.77 6.27 5.55
N PHE A 11 1.52 5.84 5.56
CA PHE A 11 0.93 5.19 6.72
C PHE A 11 -0.08 4.12 6.30
N CYS A 12 -0.09 3.01 7.04
CA CYS A 12 -1.00 1.91 6.74
C CYS A 12 -2.44 2.41 6.63
N SER A 13 -3.17 1.92 5.63
CA SER A 13 -4.55 2.32 5.41
C SER A 13 -5.51 1.34 6.08
N VAL A 14 -5.13 0.86 7.26
CA VAL A 14 -5.96 -0.09 7.99
C VAL A 14 -5.77 0.07 9.50
N CYS A 15 -4.51 0.18 9.93
CA CYS A 15 -4.19 0.33 11.34
C CYS A 15 -3.52 1.68 11.59
N ARG A 16 -2.91 2.24 10.56
CA ARG A 16 -2.24 3.53 10.67
C ARG A 16 -1.07 3.44 11.67
N LYS A 17 0.08 3.02 11.17
CA LYS A 17 1.27 2.89 12.01
C LYS A 17 2.52 3.30 11.23
N SER A 18 3.56 3.71 11.96
CA SER A 18 4.81 4.13 11.35
C SER A 18 5.72 2.93 11.11
N GLY A 19 6.48 2.98 10.02
CA GLY A 19 7.39 1.89 9.70
C GLY A 19 7.44 1.60 8.21
N GLN A 20 7.84 0.38 7.86
CA GLN A 20 7.94 -0.03 6.46
C GLN A 20 6.56 -0.39 5.92
N LEU A 21 6.21 0.21 4.78
CA LEU A 21 4.92 -0.05 4.14
C LEU A 21 5.11 -0.39 2.67
N LEU A 22 4.15 -1.14 2.13
CA LEU A 22 4.20 -1.55 0.72
C LEU A 22 3.58 -0.48 -0.17
N MET A 23 4.02 -0.43 -1.42
CA MET A 23 3.50 0.53 -2.38
C MET A 23 2.89 -0.16 -3.58
N CYS A 24 1.76 0.36 -4.06
CA CYS A 24 1.07 -0.21 -5.21
C CYS A 24 1.69 0.27 -6.51
N ASP A 25 1.69 -0.60 -7.52
CA ASP A 25 2.26 -0.26 -8.82
C ASP A 25 1.17 0.24 -9.76
N THR A 26 0.25 1.04 -9.23
CA THR A 26 -0.84 1.57 -10.03
C THR A 26 -1.44 2.83 -9.38
N CYS A 27 -2.06 2.64 -8.23
CA CYS A 27 -2.67 3.76 -7.51
C CYS A 27 -1.68 4.37 -6.53
N SER A 28 -2.17 5.26 -5.67
CA SER A 28 -1.32 5.94 -4.69
C SER A 28 -1.78 5.61 -3.28
N ARG A 29 -1.69 4.34 -2.90
CA ARG A 29 -2.10 3.90 -1.58
C ARG A 29 -1.10 2.89 -1.01
N VAL A 30 -0.83 2.99 0.29
CA VAL A 30 0.11 2.09 0.95
C VAL A 30 -0.62 1.12 1.86
N TYR A 31 -0.08 -0.09 2.01
CA TYR A 31 -0.67 -1.11 2.85
C TYR A 31 0.40 -2.01 3.44
N HIS A 32 0.28 -2.29 4.74
CA HIS A 32 1.23 -3.15 5.43
C HIS A 32 1.30 -4.52 4.78
N LEU A 33 2.14 -5.39 5.33
CA LEU A 33 2.30 -6.74 4.79
C LEU A 33 1.33 -7.72 5.47
N ASP A 34 0.93 -7.38 6.68
CA ASP A 34 0.01 -8.22 7.43
C ASP A 34 -1.41 -7.66 7.37
N CYS A 35 -1.51 -6.38 7.06
CA CYS A 35 -2.82 -5.71 6.98
C CYS A 35 -3.29 -5.64 5.53
N LEU A 36 -3.41 -6.79 4.89
CA LEU A 36 -3.86 -6.86 3.50
C LEU A 36 -5.12 -7.71 3.38
N ASP A 37 -5.59 -7.87 2.15
CA ASP A 37 -6.80 -8.65 1.89
C ASP A 37 -6.73 -9.31 0.51
N PRO A 38 -6.30 -10.57 0.48
CA PRO A 38 -5.90 -11.31 1.69
C PRO A 38 -4.61 -10.78 2.29
N PRO A 39 -4.30 -11.22 3.52
CA PRO A 39 -3.09 -10.80 4.23
C PRO A 39 -1.83 -11.38 3.60
N LEU A 40 -0.70 -10.70 3.82
CA LEU A 40 0.58 -11.14 3.27
C LEU A 40 1.58 -11.42 4.39
N LYS A 41 2.77 -11.85 4.02
CA LYS A 41 3.82 -12.15 4.99
C LYS A 41 5.17 -11.62 4.50
N THR A 42 5.74 -12.29 3.51
CA THR A 42 7.03 -11.89 2.95
C THR A 42 6.86 -10.97 1.76
N ILE A 43 7.96 -10.68 1.08
CA ILE A 43 7.93 -9.81 -0.10
C ILE A 43 7.27 -10.51 -1.28
N PRO A 44 6.10 -9.99 -1.69
CA PRO A 44 5.35 -10.54 -2.83
C PRO A 44 6.04 -10.30 -4.16
N LYS A 45 6.91 -11.22 -4.54
CA LYS A 45 7.65 -11.12 -5.79
C LYS A 45 6.70 -10.88 -6.97
N GLY A 46 7.22 -10.33 -8.05
CA GLY A 46 6.41 -10.07 -9.22
C GLY A 46 5.54 -8.83 -9.06
N MET A 47 5.08 -8.28 -10.18
CA MET A 47 4.24 -7.09 -10.15
C MET A 47 3.06 -7.27 -9.19
N TRP A 48 3.16 -6.66 -8.03
CA TRP A 48 2.10 -6.75 -7.03
C TRP A 48 1.12 -5.58 -7.15
N ILE A 49 -0.15 -5.84 -6.87
CA ILE A 49 -1.17 -4.82 -6.96
C ILE A 49 -2.17 -4.94 -5.80
N CYS A 50 -2.38 -3.83 -5.10
CA CYS A 50 -3.30 -3.80 -3.97
C CYS A 50 -4.66 -4.37 -4.36
N PRO A 51 -5.39 -4.91 -3.38
CA PRO A 51 -6.72 -5.49 -3.60
C PRO A 51 -7.76 -4.43 -3.93
N ARG A 52 -7.41 -3.17 -3.73
CA ARG A 52 -8.32 -2.07 -4.00
C ARG A 52 -8.37 -1.77 -5.50
N CYS A 53 -7.31 -2.12 -6.20
CA CYS A 53 -7.22 -1.90 -7.65
C CYS A 53 -7.90 -3.03 -8.41
N GLN A 54 -7.46 -4.26 -8.14
CA GLN A 54 -8.02 -5.43 -8.81
C GLN A 54 -9.54 -5.45 -8.71
N ASP A 55 -10.06 -4.88 -7.63
CA ASP A 55 -11.51 -4.84 -7.40
C ASP A 55 -12.08 -3.53 -7.94
N GLN A 56 -11.56 -2.41 -7.46
CA GLN A 56 -12.03 -1.10 -7.88
C GLN A 56 -13.53 -0.94 -7.63
N GLY A 1 -7.13 21.21 0.11
CA GLY A 1 -5.69 21.30 0.01
C GLY A 1 -5.25 21.90 -1.32
N SER A 2 -4.54 21.11 -2.12
CA SER A 2 -4.06 21.58 -3.41
C SER A 2 -3.60 20.40 -4.27
N SER A 3 -4.41 20.07 -5.27
CA SER A 3 -4.09 18.96 -6.17
C SER A 3 -2.92 19.30 -7.08
N GLY A 4 -1.78 18.66 -6.83
CA GLY A 4 -0.59 18.92 -7.63
C GLY A 4 0.50 17.91 -7.39
N SER A 5 1.21 18.05 -6.27
CA SER A 5 2.30 17.15 -5.93
C SER A 5 1.78 15.71 -5.78
N SER A 6 2.46 14.78 -6.43
CA SER A 6 2.06 13.38 -6.37
C SER A 6 2.59 12.73 -5.09
N GLY A 7 1.69 12.05 -4.37
CA GLY A 7 2.08 11.39 -3.14
C GLY A 7 1.36 10.06 -2.94
N HIS A 8 2.06 9.10 -2.36
CA HIS A 8 1.49 7.78 -2.11
C HIS A 8 1.32 7.53 -0.62
N GLU A 9 1.19 8.62 0.15
CA GLU A 9 1.02 8.51 1.59
C GLU A 9 2.22 7.82 2.23
N ASP A 10 2.15 7.60 3.54
CA ASP A 10 3.24 6.94 4.27
C ASP A 10 2.72 6.31 5.56
N PHE A 11 1.47 5.87 5.53
CA PHE A 11 0.85 5.24 6.70
C PHE A 11 -0.13 4.15 6.27
N CYS A 12 -0.14 3.05 7.01
CA CYS A 12 -1.02 1.93 6.72
C CYS A 12 -2.47 2.41 6.59
N SER A 13 -3.18 1.87 5.60
CA SER A 13 -4.57 2.24 5.37
C SER A 13 -5.51 1.25 6.05
N VAL A 14 -5.13 0.82 7.25
CA VAL A 14 -5.94 -0.13 8.00
C VAL A 14 -5.76 0.07 9.51
N CYS A 15 -4.51 0.20 9.93
CA CYS A 15 -4.19 0.40 11.34
C CYS A 15 -3.54 1.75 11.57
N ARG A 16 -2.92 2.29 10.53
CA ARG A 16 -2.26 3.59 10.60
C ARG A 16 -1.10 3.54 11.60
N LYS A 17 0.02 2.99 11.17
CA LYS A 17 1.20 2.89 12.02
C LYS A 17 2.48 3.12 11.21
N SER A 18 3.52 3.58 11.89
CA SER A 18 4.80 3.85 11.23
C SER A 18 5.51 2.55 10.88
N GLY A 19 6.69 2.67 10.26
CA GLY A 19 7.46 1.50 9.87
C GLY A 19 7.53 1.34 8.37
N GLN A 20 7.70 0.10 7.93
CA GLN A 20 7.79 -0.20 6.50
C GLN A 20 6.41 -0.49 5.92
N LEU A 21 6.11 0.14 4.79
CA LEU A 21 4.82 -0.05 4.12
C LEU A 21 5.01 -0.37 2.65
N LEU A 22 4.11 -1.17 2.09
CA LEU A 22 4.17 -1.55 0.69
C LEU A 22 3.53 -0.49 -0.20
N MET A 23 3.98 -0.43 -1.45
CA MET A 23 3.44 0.54 -2.40
C MET A 23 2.79 -0.16 -3.59
N CYS A 24 1.74 0.45 -4.12
CA CYS A 24 1.03 -0.11 -5.26
C CYS A 24 1.64 0.37 -6.58
N ASP A 25 1.63 -0.51 -7.58
CA ASP A 25 2.17 -0.17 -8.89
C ASP A 25 1.07 0.31 -9.83
N THR A 26 0.18 1.14 -9.31
CA THR A 26 -0.92 1.68 -10.10
C THR A 26 -1.52 2.91 -9.45
N CYS A 27 -2.17 2.71 -8.31
CA CYS A 27 -2.80 3.80 -7.58
C CYS A 27 -1.81 4.44 -6.61
N SER A 28 -2.33 5.32 -5.74
CA SER A 28 -1.49 6.00 -4.76
C SER A 28 -1.94 5.66 -3.34
N ARG A 29 -1.62 4.45 -2.91
CA ARG A 29 -1.99 4.00 -1.56
C ARG A 29 -0.96 2.99 -1.03
N VAL A 30 -0.82 2.95 0.30
CA VAL A 30 0.12 2.05 0.93
C VAL A 30 -0.60 1.08 1.88
N TYR A 31 -0.06 -0.13 1.98
CA TYR A 31 -0.66 -1.14 2.85
C TYR A 31 0.42 -2.04 3.46
N HIS A 32 0.30 -2.30 4.76
CA HIS A 32 1.26 -3.14 5.45
C HIS A 32 1.35 -4.53 4.81
N LEU A 33 2.20 -5.38 5.36
CA LEU A 33 2.37 -6.73 4.84
C LEU A 33 1.40 -7.70 5.52
N ASP A 34 0.99 -7.36 6.73
CA ASP A 34 0.07 -8.21 7.49
C ASP A 34 -1.35 -7.66 7.42
N CYS A 35 -1.47 -6.37 7.10
CA CYS A 35 -2.76 -5.72 7.00
C CYS A 35 -3.24 -5.66 5.56
N LEU A 36 -3.35 -6.83 4.92
CA LEU A 36 -3.79 -6.92 3.54
C LEU A 36 -5.04 -7.78 3.41
N ASP A 37 -5.52 -7.95 2.19
CA ASP A 37 -6.71 -8.76 1.94
C ASP A 37 -6.63 -9.41 0.56
N PRO A 38 -6.19 -10.68 0.53
CA PRO A 38 -5.78 -11.41 1.75
C PRO A 38 -4.49 -10.85 2.35
N PRO A 39 -4.18 -11.28 3.58
CA PRO A 39 -2.98 -10.85 4.29
C PRO A 39 -1.71 -11.41 3.67
N LEU A 40 -0.59 -10.70 3.86
CA LEU A 40 0.69 -11.14 3.33
C LEU A 40 1.69 -11.42 4.44
N LYS A 41 2.89 -11.84 4.06
CA LYS A 41 3.94 -12.13 5.05
C LYS A 41 5.29 -11.63 4.56
N THR A 42 5.83 -12.28 3.54
CA THR A 42 7.13 -11.90 2.99
C THR A 42 6.96 -10.95 1.81
N ILE A 43 8.06 -10.67 1.12
CA ILE A 43 8.03 -9.78 -0.03
C ILE A 43 7.35 -10.44 -1.23
N PRO A 44 6.19 -9.90 -1.62
CA PRO A 44 5.41 -10.41 -2.75
C PRO A 44 6.10 -10.17 -4.09
N LYS A 45 6.99 -11.08 -4.47
CA LYS A 45 7.72 -10.95 -5.72
C LYS A 45 6.76 -10.74 -6.89
N GLY A 46 7.27 -10.18 -7.98
CA GLY A 46 6.44 -9.93 -9.15
C GLY A 46 5.58 -8.70 -8.99
N MET A 47 5.11 -8.16 -10.11
CA MET A 47 4.28 -6.97 -10.09
C MET A 47 3.10 -7.15 -9.15
N TRP A 48 3.18 -6.54 -7.98
CA TRP A 48 2.12 -6.63 -6.98
C TRP A 48 1.17 -5.45 -7.09
N ILE A 49 -0.12 -5.71 -6.82
CA ILE A 49 -1.13 -4.66 -6.89
C ILE A 49 -2.12 -4.78 -5.74
N CYS A 50 -2.37 -3.67 -5.05
CA CYS A 50 -3.30 -3.66 -3.93
C CYS A 50 -4.65 -4.26 -4.33
N PRO A 51 -5.37 -4.79 -3.34
CA PRO A 51 -6.68 -5.41 -3.56
C PRO A 51 -7.75 -4.38 -3.92
N ARG A 52 -7.43 -3.11 -3.72
CA ARG A 52 -8.36 -2.03 -4.02
C ARG A 52 -8.41 -1.76 -5.52
N CYS A 53 -7.34 -2.10 -6.21
CA CYS A 53 -7.25 -1.89 -7.66
C CYS A 53 -7.86 -3.06 -8.41
N GLN A 54 -7.41 -4.26 -8.09
CA GLN A 54 -7.91 -5.47 -8.75
C GLN A 54 -9.44 -5.52 -8.70
N ASP A 55 -10.01 -4.93 -7.64
CA ASP A 55 -11.46 -4.91 -7.48
C ASP A 55 -11.90 -3.63 -6.78
N GLN A 56 -12.38 -2.66 -7.57
CA GLN A 56 -12.84 -1.39 -7.03
C GLN A 56 -13.94 -1.61 -6.00
N GLY A 1 -1.02 26.55 3.79
CA GLY A 1 -1.82 26.31 2.60
C GLY A 1 -2.97 25.36 2.86
N SER A 2 -2.87 24.16 2.29
CA SER A 2 -3.91 23.14 2.45
C SER A 2 -3.42 21.78 2.00
N SER A 3 -3.16 21.65 0.70
CA SER A 3 -2.69 20.39 0.14
C SER A 3 -1.43 20.62 -0.71
N GLY A 4 -0.63 19.56 -0.87
CA GLY A 4 0.58 19.67 -1.65
C GLY A 4 0.78 18.47 -2.56
N SER A 5 1.64 18.63 -3.56
CA SER A 5 1.92 17.56 -4.51
C SER A 5 3.11 16.72 -4.05
N SER A 6 2.89 15.90 -3.01
CA SER A 6 3.94 15.05 -2.47
C SER A 6 4.05 13.76 -3.26
N GLY A 7 3.01 12.93 -3.20
CA GLY A 7 3.01 11.67 -3.91
C GLY A 7 2.21 10.60 -3.21
N HIS A 8 2.87 9.52 -2.81
CA HIS A 8 2.20 8.43 -2.11
C HIS A 8 2.19 8.65 -0.61
N GLU A 9 1.21 8.07 0.07
CA GLU A 9 1.08 8.22 1.51
C GLU A 9 2.30 7.62 2.22
N ASP A 10 2.22 7.54 3.55
CA ASP A 10 3.31 6.99 4.34
C ASP A 10 2.78 6.36 5.63
N PHE A 11 1.52 5.93 5.59
CA PHE A 11 0.89 5.30 6.75
C PHE A 11 -0.09 4.21 6.32
N CYS A 12 -0.12 3.12 7.06
CA CYS A 12 -1.00 2.01 6.76
C CYS A 12 -2.44 2.49 6.61
N SER A 13 -3.13 1.96 5.61
CA SER A 13 -4.52 2.34 5.35
C SER A 13 -5.48 1.36 6.01
N VAL A 14 -5.13 0.90 7.21
CA VAL A 14 -5.95 -0.03 7.96
C VAL A 14 -5.79 0.16 9.46
N CYS A 15 -4.55 0.27 9.91
CA CYS A 15 -4.25 0.47 11.33
C CYS A 15 -3.60 1.82 11.56
N ARG A 16 -2.97 2.37 10.52
CA ARG A 16 -2.30 3.66 10.63
C ARG A 16 -1.19 3.62 11.66
N LYS A 17 -0.02 3.12 11.26
CA LYS A 17 1.12 3.01 12.15
C LYS A 17 2.42 3.32 11.42
N SER A 18 3.43 3.77 12.15
CA SER A 18 4.72 4.10 11.57
C SER A 18 5.51 2.83 11.24
N GLY A 19 6.28 2.89 10.17
CA GLY A 19 7.08 1.74 9.77
C GLY A 19 7.05 1.51 8.27
N GLN A 20 7.83 0.52 7.81
CA GLN A 20 7.89 0.21 6.39
C GLN A 20 6.52 -0.20 5.85
N LEU A 21 6.14 0.38 4.72
CA LEU A 21 4.85 0.09 4.11
C LEU A 21 5.02 -0.26 2.63
N LEU A 22 4.13 -1.11 2.12
CA LEU A 22 4.18 -1.51 0.72
C LEU A 22 3.58 -0.45 -0.19
N MET A 23 4.04 -0.40 -1.43
CA MET A 23 3.54 0.58 -2.39
C MET A 23 2.93 -0.12 -3.60
N CYS A 24 1.76 0.36 -4.02
CA CYS A 24 1.07 -0.22 -5.17
C CYS A 24 1.67 0.27 -6.47
N ASP A 25 1.68 -0.60 -7.48
CA ASP A 25 2.24 -0.26 -8.78
C ASP A 25 1.14 0.21 -9.72
N THR A 26 0.22 1.02 -9.22
CA THR A 26 -0.88 1.54 -10.02
C THR A 26 -1.49 2.79 -9.39
N CYS A 27 -2.11 2.61 -8.22
CA CYS A 27 -2.74 3.72 -7.52
C CYS A 27 -1.76 4.36 -6.54
N SER A 28 -2.27 5.25 -5.70
CA SER A 28 -1.43 5.93 -4.72
C SER A 28 -1.88 5.61 -3.29
N ARG A 29 -1.66 4.36 -2.88
CA ARG A 29 -2.05 3.93 -1.55
C ARG A 29 -1.05 2.90 -1.01
N VAL A 30 -0.80 2.96 0.30
CA VAL A 30 0.12 2.03 0.94
C VAL A 30 -0.61 1.08 1.86
N TYR A 31 -0.06 -0.12 2.02
CA TYR A 31 -0.66 -1.15 2.87
C TYR A 31 0.41 -2.04 3.49
N HIS A 32 0.29 -2.29 4.78
CA HIS A 32 1.24 -3.13 5.50
C HIS A 32 1.33 -4.52 4.86
N LEU A 33 2.16 -5.37 5.43
CA LEU A 33 2.33 -6.73 4.92
C LEU A 33 1.35 -7.70 5.60
N ASP A 34 0.94 -7.34 6.82
CA ASP A 34 0.01 -8.18 7.56
C ASP A 34 -1.41 -7.60 7.48
N CYS A 35 -1.51 -6.33 7.15
CA CYS A 35 -2.81 -5.66 7.04
C CYS A 35 -3.28 -5.62 5.59
N LEU A 36 -3.39 -6.79 4.98
CA LEU A 36 -3.82 -6.88 3.59
C LEU A 36 -5.08 -7.73 3.47
N ASP A 37 -5.56 -7.91 2.24
CA ASP A 37 -6.75 -8.71 1.99
C ASP A 37 -6.68 -9.38 0.62
N PRO A 38 -6.24 -10.65 0.62
CA PRO A 38 -5.85 -11.37 1.84
C PRO A 38 -4.56 -10.83 2.44
N PRO A 39 -4.26 -11.24 3.67
CA PRO A 39 -3.06 -10.81 4.39
C PRO A 39 -1.79 -11.39 3.77
N LEU A 40 -0.67 -10.69 3.98
CA LEU A 40 0.61 -11.14 3.45
C LEU A 40 1.61 -11.41 4.57
N LYS A 41 2.80 -11.85 4.21
CA LYS A 41 3.84 -12.14 5.19
C LYS A 41 5.20 -11.63 4.71
N THR A 42 5.75 -12.30 3.70
CA THR A 42 7.05 -11.91 3.16
C THR A 42 6.88 -10.98 1.97
N ILE A 43 7.99 -10.69 1.29
CA ILE A 43 7.97 -9.81 0.12
C ILE A 43 7.29 -10.48 -1.07
N PRO A 44 6.14 -9.94 -1.47
CA PRO A 44 5.36 -10.47 -2.61
C PRO A 44 6.07 -10.23 -3.94
N LYS A 45 6.94 -11.15 -4.32
CA LYS A 45 7.66 -11.05 -5.57
C LYS A 45 6.71 -10.80 -6.74
N GLY A 46 7.26 -10.35 -7.87
CA GLY A 46 6.44 -10.08 -9.04
C GLY A 46 5.59 -8.84 -8.87
N MET A 47 5.15 -8.28 -10.00
CA MET A 47 4.32 -7.08 -9.98
C MET A 47 3.12 -7.27 -9.06
N TRP A 48 3.18 -6.67 -7.87
CA TRP A 48 2.10 -6.77 -6.91
C TRP A 48 1.13 -5.60 -7.04
N ILE A 49 -0.14 -5.86 -6.76
CA ILE A 49 -1.16 -4.83 -6.86
C ILE A 49 -2.17 -4.94 -5.71
N CYS A 50 -2.41 -3.82 -5.03
CA CYS A 50 -3.34 -3.79 -3.92
C CYS A 50 -4.70 -4.35 -4.33
N PRO A 51 -5.44 -4.89 -3.34
CA PRO A 51 -6.77 -5.47 -3.58
C PRO A 51 -7.81 -4.42 -3.92
N ARG A 52 -7.45 -3.15 -3.74
CA ARG A 52 -8.36 -2.04 -4.03
C ARG A 52 -8.39 -1.76 -5.54
N CYS A 53 -7.32 -2.13 -6.23
CA CYS A 53 -7.23 -1.91 -7.67
C CYS A 53 -7.87 -3.05 -8.44
N GLN A 54 -7.46 -4.28 -8.12
CA GLN A 54 -8.00 -5.46 -8.78
C GLN A 54 -9.53 -5.46 -8.73
N ASP A 55 -10.08 -4.88 -7.67
CA ASP A 55 -11.53 -4.80 -7.50
C ASP A 55 -11.90 -3.87 -6.36
N GLN A 56 -13.08 -3.27 -6.45
CA GLN A 56 -13.55 -2.35 -5.42
C GLN A 56 -12.53 -1.23 -5.17
N GLY A 1 -3.21 22.80 -10.97
CA GLY A 1 -3.75 22.54 -12.29
C GLY A 1 -3.99 21.06 -12.54
N SER A 2 -3.07 20.44 -13.28
CA SER A 2 -3.19 19.01 -13.59
C SER A 2 -1.81 18.35 -13.61
N SER A 3 -1.80 17.03 -13.39
CA SER A 3 -0.56 16.28 -13.37
C SER A 3 -0.83 14.79 -13.16
N GLY A 4 -1.50 14.47 -12.06
CA GLY A 4 -1.81 13.09 -11.75
C GLY A 4 -2.10 12.86 -10.28
N SER A 5 -1.05 12.83 -9.48
CA SER A 5 -1.19 12.62 -8.04
C SER A 5 -0.07 13.30 -7.27
N SER A 6 -0.29 13.54 -5.99
CA SER A 6 0.70 14.20 -5.14
C SER A 6 1.55 13.16 -4.41
N GLY A 7 1.96 12.13 -5.12
CA GLY A 7 2.78 11.09 -4.52
C GLY A 7 1.95 10.03 -3.81
N HIS A 8 2.61 9.20 -3.01
CA HIS A 8 1.91 8.14 -2.28
C HIS A 8 1.91 8.44 -0.78
N GLU A 9 0.92 7.88 -0.08
CA GLU A 9 0.82 8.08 1.36
C GLU A 9 2.01 7.50 2.09
N ASP A 10 1.95 7.49 3.41
CA ASP A 10 3.04 6.96 4.23
C ASP A 10 2.49 6.32 5.51
N PHE A 11 1.25 5.85 5.45
CA PHE A 11 0.62 5.22 6.60
C PHE A 11 -0.34 4.12 6.15
N CYS A 12 -0.35 3.02 6.90
CA CYS A 12 -1.21 1.88 6.59
C CYS A 12 -2.66 2.34 6.40
N SER A 13 -3.31 1.80 5.37
CA SER A 13 -4.69 2.15 5.08
C SER A 13 -5.65 1.15 5.71
N VAL A 14 -5.32 0.71 6.93
CA VAL A 14 -6.15 -0.24 7.65
C VAL A 14 -6.05 -0.04 9.16
N CYS A 15 -4.82 0.11 9.64
CA CYS A 15 -4.59 0.32 11.06
C CYS A 15 -3.97 1.70 11.32
N ARG A 16 -3.31 2.24 10.31
CA ARG A 16 -2.68 3.55 10.43
C ARG A 16 -1.58 3.53 11.49
N LYS A 17 -0.37 3.14 11.07
CA LYS A 17 0.76 3.08 11.98
C LYS A 17 2.04 3.57 11.30
N SER A 18 3.14 3.56 12.04
CA SER A 18 4.42 4.00 11.50
C SER A 18 5.33 2.82 11.22
N GLY A 19 6.18 2.95 10.21
CA GLY A 19 7.10 1.88 9.86
C GLY A 19 7.18 1.65 8.36
N GLN A 20 7.61 0.46 7.97
CA GLN A 20 7.73 0.11 6.56
C GLN A 20 6.38 -0.27 5.97
N LEU A 21 6.04 0.33 4.83
CA LEU A 21 4.77 0.05 4.17
C LEU A 21 4.99 -0.30 2.70
N LEU A 22 4.09 -1.11 2.15
CA LEU A 22 4.19 -1.51 0.75
C LEU A 22 3.58 -0.45 -0.16
N MET A 23 4.04 -0.41 -1.41
CA MET A 23 3.54 0.55 -2.38
C MET A 23 2.91 -0.16 -3.57
N CYS A 24 1.80 0.39 -4.08
CA CYS A 24 1.10 -0.19 -5.21
C CYS A 24 1.71 0.31 -6.53
N ASP A 25 1.71 -0.56 -7.53
CA ASP A 25 2.26 -0.21 -8.84
C ASP A 25 1.15 0.26 -9.78
N THR A 26 0.23 1.06 -9.25
CA THR A 26 -0.88 1.58 -10.04
C THR A 26 -1.49 2.81 -9.38
N CYS A 27 -2.10 2.62 -8.21
CA CYS A 27 -2.73 3.71 -7.47
C CYS A 27 -1.74 4.37 -6.53
N SER A 28 -2.25 5.24 -5.67
CA SER A 28 -1.40 5.94 -4.71
C SER A 28 -1.82 5.63 -3.28
N ARG A 29 -1.75 4.36 -2.91
CA ARG A 29 -2.13 3.93 -1.57
C ARG A 29 -1.15 2.89 -1.03
N VAL A 30 -0.83 2.98 0.26
CA VAL A 30 0.08 2.05 0.89
C VAL A 30 -0.65 1.08 1.80
N TYR A 31 -0.12 -0.14 1.93
CA TYR A 31 -0.73 -1.16 2.78
C TYR A 31 0.34 -2.06 3.40
N HIS A 32 0.20 -2.32 4.70
CA HIS A 32 1.14 -3.15 5.41
C HIS A 32 1.24 -4.53 4.77
N LEU A 33 2.07 -5.39 5.35
CA LEU A 33 2.26 -6.74 4.83
C LEU A 33 1.29 -7.72 5.49
N ASP A 34 0.85 -7.38 6.69
CA ASP A 34 -0.08 -8.23 7.43
C ASP A 34 -1.50 -7.68 7.33
N CYS A 35 -1.61 -6.40 7.00
CA CYS A 35 -2.91 -5.75 6.89
C CYS A 35 -3.36 -5.68 5.43
N LEU A 36 -3.46 -6.85 4.79
CA LEU A 36 -3.87 -6.94 3.40
C LEU A 36 -5.12 -7.80 3.25
N ASP A 37 -5.57 -7.97 2.02
CA ASP A 37 -6.75 -8.77 1.74
C ASP A 37 -6.65 -9.43 0.37
N PRO A 38 -6.20 -10.69 0.35
CA PRO A 38 -5.83 -11.42 1.56
C PRO A 38 -4.54 -10.87 2.19
N PRO A 39 -4.26 -11.31 3.42
CA PRO A 39 -3.07 -10.86 4.16
C PRO A 39 -1.79 -11.42 3.56
N LEU A 40 -0.68 -10.73 3.79
CA LEU A 40 0.62 -11.14 3.27
C LEU A 40 1.59 -11.43 4.40
N LYS A 41 2.80 -11.85 4.06
CA LYS A 41 3.82 -12.16 5.05
C LYS A 41 5.19 -11.64 4.60
N THR A 42 5.75 -12.28 3.57
CA THR A 42 7.06 -11.89 3.05
C THR A 42 6.90 -10.92 1.88
N ILE A 43 8.01 -10.63 1.21
CA ILE A 43 8.01 -9.72 0.08
C ILE A 43 7.34 -10.36 -1.14
N PRO A 44 6.19 -9.81 -1.54
CA PRO A 44 5.43 -10.30 -2.69
C PRO A 44 6.14 -10.03 -4.02
N LYS A 45 7.09 -10.90 -4.36
CA LYS A 45 7.84 -10.76 -5.60
C LYS A 45 6.90 -10.60 -6.79
N GLY A 46 7.43 -10.08 -7.89
CA GLY A 46 6.63 -9.89 -9.08
C GLY A 46 5.70 -8.70 -8.98
N MET A 47 5.21 -8.23 -10.13
CA MET A 47 4.32 -7.08 -10.16
C MET A 47 3.14 -7.28 -9.21
N TRP A 48 3.19 -6.62 -8.07
CA TRP A 48 2.13 -6.73 -7.06
C TRP A 48 1.13 -5.59 -7.21
N ILE A 49 -0.13 -5.86 -6.89
CA ILE A 49 -1.17 -4.85 -6.98
C ILE A 49 -2.15 -4.97 -5.82
N CYS A 50 -2.37 -3.85 -5.12
CA CYS A 50 -3.28 -3.82 -3.98
C CYS A 50 -4.64 -4.38 -4.36
N PRO A 51 -5.37 -4.92 -3.36
CA PRO A 51 -6.69 -5.49 -3.57
C PRO A 51 -7.74 -4.43 -3.89
N ARG A 52 -7.37 -3.16 -3.72
CA ARG A 52 -8.27 -2.06 -3.98
C ARG A 52 -8.33 -1.76 -5.48
N CYS A 53 -7.28 -2.12 -6.19
CA CYS A 53 -7.21 -1.89 -7.63
C CYS A 53 -7.89 -3.02 -8.40
N GLN A 54 -7.47 -4.25 -8.11
CA GLN A 54 -8.05 -5.43 -8.77
C GLN A 54 -9.57 -5.42 -8.68
N ASP A 55 -10.09 -4.83 -7.60
CA ASP A 55 -11.53 -4.76 -7.39
C ASP A 55 -12.12 -6.16 -7.26
N GLN A 56 -13.42 -6.20 -6.92
CA GLN A 56 -14.11 -7.48 -6.76
C GLN A 56 -13.51 -8.28 -5.61
N GLY A 1 -3.10 25.86 8.15
CA GLY A 1 -4.45 25.36 8.30
C GLY A 1 -4.94 24.59 7.09
N SER A 2 -4.55 25.07 5.91
CA SER A 2 -4.95 24.43 4.66
C SER A 2 -3.95 23.35 4.26
N SER A 3 -4.23 22.12 4.68
CA SER A 3 -3.36 20.99 4.36
C SER A 3 -3.41 20.66 2.87
N GLY A 4 -2.24 20.63 2.24
CA GLY A 4 -2.17 20.32 0.82
C GLY A 4 -0.86 19.69 0.43
N SER A 5 -0.84 18.35 0.36
CA SER A 5 0.37 17.62 -0.01
C SER A 5 0.06 16.55 -1.05
N SER A 6 1.10 16.03 -1.68
CA SER A 6 0.94 14.99 -2.69
C SER A 6 1.93 13.85 -2.47
N GLY A 7 1.56 12.66 -2.92
CA GLY A 7 2.41 11.50 -2.76
C GLY A 7 1.63 10.22 -2.57
N HIS A 8 2.31 9.17 -2.11
CA HIS A 8 1.67 7.87 -1.89
C HIS A 8 1.46 7.62 -0.41
N GLU A 9 1.06 8.66 0.32
CA GLU A 9 0.82 8.55 1.75
C GLU A 9 2.03 7.95 2.45
N ASP A 10 1.87 7.61 3.73
CA ASP A 10 2.95 7.03 4.51
C ASP A 10 2.42 6.34 5.77
N PHE A 11 1.18 5.87 5.69
CA PHE A 11 0.54 5.20 6.82
C PHE A 11 -0.40 4.10 6.33
N CYS A 12 -0.39 2.97 7.04
CA CYS A 12 -1.25 1.85 6.68
C CYS A 12 -2.70 2.28 6.52
N SER A 13 -3.36 1.76 5.49
CA SER A 13 -4.75 2.10 5.22
C SER A 13 -5.69 1.08 5.83
N VAL A 14 -5.33 0.59 7.02
CA VAL A 14 -6.15 -0.39 7.72
C VAL A 14 -6.01 -0.25 9.23
N CYS A 15 -4.78 -0.09 9.70
CA CYS A 15 -4.52 0.06 11.12
C CYS A 15 -3.92 1.42 11.42
N ARG A 16 -3.29 2.02 10.42
CA ARG A 16 -2.68 3.34 10.58
C ARG A 16 -1.57 3.30 11.62
N LYS A 17 -0.39 2.85 11.20
CA LYS A 17 0.76 2.75 12.10
C LYS A 17 2.05 3.14 11.38
N SER A 18 3.01 3.67 12.13
CA SER A 18 4.29 4.07 11.56
C SER A 18 5.17 2.86 11.28
N GLY A 19 5.94 2.93 10.20
CA GLY A 19 6.83 1.83 9.84
C GLY A 19 6.88 1.59 8.35
N GLN A 20 7.50 0.48 7.95
CA GLN A 20 7.61 0.14 6.53
C GLN A 20 6.27 -0.24 5.94
N LEU A 21 5.94 0.33 4.79
CA LEU A 21 4.68 0.05 4.13
C LEU A 21 4.90 -0.31 2.66
N LEU A 22 4.01 -1.15 2.12
CA LEU A 22 4.12 -1.57 0.72
C LEU A 22 3.55 -0.50 -0.21
N MET A 23 4.04 -0.49 -1.44
CA MET A 23 3.58 0.48 -2.43
C MET A 23 2.90 -0.23 -3.61
N CYS A 24 1.88 0.40 -4.17
CA CYS A 24 1.14 -0.16 -5.30
C CYS A 24 1.71 0.35 -6.61
N ASP A 25 1.70 -0.51 -7.62
CA ASP A 25 2.20 -0.14 -8.95
C ASP A 25 1.06 0.31 -9.86
N THR A 26 0.16 1.13 -9.31
CA THR A 26 -0.97 1.62 -10.08
C THR A 26 -1.59 2.86 -9.42
N CYS A 27 -2.16 2.67 -8.23
CA CYS A 27 -2.77 3.76 -7.50
C CYS A 27 -1.78 4.41 -6.54
N SER A 28 -2.27 5.28 -5.67
CA SER A 28 -1.43 5.95 -4.70
C SER A 28 -1.86 5.62 -3.28
N ARG A 29 -1.85 4.34 -2.95
CA ARG A 29 -2.24 3.89 -1.62
C ARG A 29 -1.20 2.92 -1.04
N VAL A 30 -0.99 2.99 0.26
CA VAL A 30 -0.02 2.12 0.94
C VAL A 30 -0.74 1.10 1.81
N TYR A 31 -0.18 -0.11 1.86
CA TYR A 31 -0.76 -1.17 2.67
C TYR A 31 0.32 -2.06 3.27
N HIS A 32 0.19 -2.34 4.56
CA HIS A 32 1.17 -3.18 5.25
C HIS A 32 1.29 -4.55 4.59
N LEU A 33 2.16 -5.39 5.14
CA LEU A 33 2.37 -6.73 4.59
C LEU A 33 1.42 -7.74 5.24
N ASP A 34 0.99 -7.44 6.45
CA ASP A 34 0.08 -8.32 7.18
C ASP A 34 -1.35 -7.79 7.09
N CYS A 35 -1.49 -6.51 6.83
CA CYS A 35 -2.80 -5.88 6.74
C CYS A 35 -3.27 -5.82 5.28
N LEU A 36 -3.33 -6.97 4.63
CA LEU A 36 -3.76 -7.05 3.23
C LEU A 36 -4.99 -7.93 3.08
N ASP A 37 -5.45 -8.09 1.85
CA ASP A 37 -6.62 -8.93 1.58
C ASP A 37 -6.52 -9.56 0.19
N PRO A 38 -6.04 -10.81 0.15
CA PRO A 38 -5.63 -11.55 1.35
C PRO A 38 -4.36 -10.98 1.97
N PRO A 39 -4.06 -11.42 3.20
CA PRO A 39 -2.86 -10.97 3.93
C PRO A 39 -1.57 -11.49 3.31
N LEU A 40 -0.46 -10.85 3.65
CA LEU A 40 0.84 -11.25 3.12
C LEU A 40 1.86 -11.44 4.25
N LYS A 41 3.07 -11.83 3.89
CA LYS A 41 4.13 -12.04 4.87
C LYS A 41 5.46 -11.48 4.38
N THR A 42 6.04 -12.13 3.38
CA THR A 42 7.30 -11.68 2.82
C THR A 42 7.08 -10.78 1.60
N ILE A 43 8.17 -10.46 0.91
CA ILE A 43 8.10 -9.60 -0.27
C ILE A 43 7.45 -10.34 -1.44
N PRO A 44 6.26 -9.87 -1.85
CA PRO A 44 5.52 -10.46 -2.97
C PRO A 44 6.19 -10.22 -4.31
N LYS A 45 7.05 -11.15 -4.72
CA LYS A 45 7.75 -11.03 -5.99
C LYS A 45 6.78 -10.77 -7.13
N GLY A 46 7.30 -10.21 -8.22
CA GLY A 46 6.47 -9.92 -9.37
C GLY A 46 5.61 -8.68 -9.17
N MET A 47 5.14 -8.11 -10.28
CA MET A 47 4.31 -6.90 -10.21
C MET A 47 3.14 -7.10 -9.25
N TRP A 48 3.25 -6.51 -8.07
CA TRP A 48 2.20 -6.62 -7.06
C TRP A 48 1.19 -5.47 -7.19
N ILE A 49 -0.06 -5.77 -6.90
CA ILE A 49 -1.12 -4.77 -6.99
C ILE A 49 -2.10 -4.89 -5.82
N CYS A 50 -2.30 -3.78 -5.10
CA CYS A 50 -3.21 -3.77 -3.97
C CYS A 50 -4.58 -4.34 -4.34
N PRO A 51 -5.29 -4.88 -3.35
CA PRO A 51 -6.62 -5.46 -3.56
C PRO A 51 -7.67 -4.41 -3.88
N ARG A 52 -7.32 -3.15 -3.67
CA ARG A 52 -8.24 -2.04 -3.93
C ARG A 52 -8.31 -1.74 -5.42
N CYS A 53 -7.25 -2.09 -6.14
CA CYS A 53 -7.20 -1.86 -7.59
C CYS A 53 -7.86 -3.00 -8.34
N GLN A 54 -7.41 -4.22 -8.08
CA GLN A 54 -7.97 -5.40 -8.74
C GLN A 54 -9.49 -5.42 -8.63
N ASP A 55 -10.00 -4.88 -7.53
CA ASP A 55 -11.44 -4.85 -7.30
C ASP A 55 -12.13 -3.95 -8.31
N GLN A 56 -13.41 -4.22 -8.58
CA GLN A 56 -14.18 -3.43 -9.53
C GLN A 56 -15.42 -2.86 -8.88
N GLY A 1 -0.71 14.95 6.12
CA GLY A 1 0.35 15.94 6.22
C GLY A 1 1.45 15.73 5.20
N SER A 2 2.26 16.76 4.99
CA SER A 2 3.35 16.68 4.02
C SER A 2 4.52 15.86 4.58
N SER A 3 5.07 14.98 3.75
CA SER A 3 6.17 14.13 4.16
C SER A 3 6.78 13.41 2.95
N GLY A 4 8.05 13.69 2.69
CA GLY A 4 8.73 13.06 1.56
C GLY A 4 8.84 13.99 0.36
N SER A 5 8.08 13.68 -0.68
CA SER A 5 8.10 14.48 -1.90
C SER A 5 6.69 14.65 -2.46
N SER A 6 5.71 14.75 -1.57
CA SER A 6 4.33 14.91 -1.98
C SER A 6 3.91 13.80 -2.94
N GLY A 7 4.08 12.55 -2.52
CA GLY A 7 3.72 11.43 -3.36
C GLY A 7 3.30 10.21 -2.55
N HIS A 8 2.07 9.75 -2.78
CA HIS A 8 1.56 8.60 -2.06
C HIS A 8 1.49 8.86 -0.56
N GLU A 9 0.81 7.98 0.16
CA GLU A 9 0.69 8.12 1.61
C GLU A 9 1.89 7.52 2.33
N ASP A 10 1.86 7.57 3.65
CA ASP A 10 2.95 7.03 4.47
C ASP A 10 2.40 6.35 5.72
N PHE A 11 1.16 5.88 5.64
CA PHE A 11 0.54 5.21 6.77
C PHE A 11 -0.40 4.10 6.29
N CYS A 12 -0.40 2.98 7.00
CA CYS A 12 -1.25 1.84 6.65
C CYS A 12 -2.70 2.29 6.48
N SER A 13 -3.36 1.75 5.46
CA SER A 13 -4.75 2.09 5.19
C SER A 13 -5.69 1.06 5.83
N VAL A 14 -5.33 0.59 7.01
CA VAL A 14 -6.14 -0.38 7.73
C VAL A 14 -6.02 -0.21 9.23
N CYS A 15 -4.78 -0.07 9.71
CA CYS A 15 -4.53 0.10 11.14
C CYS A 15 -3.95 1.48 11.41
N ARG A 16 -3.31 2.07 10.41
CA ARG A 16 -2.70 3.39 10.55
C ARG A 16 -1.60 3.37 11.60
N LYS A 17 -0.40 2.98 11.19
CA LYS A 17 0.74 2.93 12.09
C LYS A 17 2.02 3.37 11.37
N SER A 18 3.13 3.38 12.11
CA SER A 18 4.41 3.79 11.56
C SER A 18 5.29 2.58 11.28
N GLY A 19 6.16 2.70 10.28
CA GLY A 19 7.06 1.61 9.93
C GLY A 19 7.16 1.40 8.44
N GLN A 20 7.46 0.17 8.03
CA GLN A 20 7.59 -0.15 6.61
C GLN A 20 6.23 -0.46 5.99
N LEU A 21 5.96 0.14 4.85
CA LEU A 21 4.70 -0.06 4.16
C LEU A 21 4.92 -0.41 2.69
N LEU A 22 4.02 -1.18 2.11
CA LEU A 22 4.13 -1.58 0.71
C LEU A 22 3.53 -0.51 -0.21
N MET A 23 4.03 -0.46 -1.43
CA MET A 23 3.56 0.51 -2.41
C MET A 23 2.90 -0.18 -3.60
N CYS A 24 1.84 0.43 -4.13
CA CYS A 24 1.12 -0.13 -5.26
C CYS A 24 1.69 0.40 -6.57
N ASP A 25 1.69 -0.46 -7.59
CA ASP A 25 2.20 -0.08 -8.90
C ASP A 25 1.07 0.37 -9.82
N THR A 26 0.17 1.18 -9.28
CA THR A 26 -0.96 1.68 -10.05
C THR A 26 -1.58 2.91 -9.39
N CYS A 27 -2.16 2.71 -8.22
CA CYS A 27 -2.79 3.80 -7.48
C CYS A 27 -1.80 4.45 -6.52
N SER A 28 -2.30 5.33 -5.65
CA SER A 28 -1.46 6.01 -4.68
C SER A 28 -1.88 5.67 -3.26
N ARG A 29 -1.85 4.38 -2.93
CA ARG A 29 -2.24 3.93 -1.59
C ARG A 29 -1.23 2.91 -1.06
N VAL A 30 -0.95 2.98 0.23
CA VAL A 30 -0.01 2.08 0.87
C VAL A 30 -0.73 1.08 1.77
N TYR A 31 -0.18 -0.13 1.86
CA TYR A 31 -0.77 -1.17 2.69
C TYR A 31 0.32 -2.06 3.29
N HIS A 32 0.18 -2.35 4.59
CA HIS A 32 1.13 -3.19 5.29
C HIS A 32 1.26 -4.55 4.61
N LEU A 33 2.12 -5.41 5.17
CA LEU A 33 2.32 -6.75 4.63
C LEU A 33 1.37 -7.75 5.27
N ASP A 34 0.93 -7.44 6.49
CA ASP A 34 0.01 -8.32 7.21
C ASP A 34 -1.42 -7.78 7.13
N CYS A 35 -1.56 -6.49 6.85
CA CYS A 35 -2.87 -5.86 6.76
C CYS A 35 -3.32 -5.79 5.30
N LEU A 36 -3.39 -6.95 4.66
CA LEU A 36 -3.81 -7.02 3.26
C LEU A 36 -5.03 -7.91 3.10
N ASP A 37 -5.49 -8.08 1.88
CA ASP A 37 -6.66 -8.91 1.60
C ASP A 37 -6.56 -9.54 0.21
N PRO A 38 -6.08 -10.79 0.16
CA PRO A 38 -5.68 -11.53 1.36
C PRO A 38 -4.41 -10.96 1.99
N PRO A 39 -4.09 -11.42 3.21
CA PRO A 39 -2.91 -10.96 3.95
C PRO A 39 -1.62 -11.47 3.32
N LEU A 40 -0.50 -10.84 3.67
CA LEU A 40 0.80 -11.24 3.15
C LEU A 40 1.81 -11.43 4.27
N LYS A 41 3.02 -11.82 3.91
CA LYS A 41 4.08 -12.04 4.89
C LYS A 41 5.41 -11.49 4.40
N THR A 42 5.99 -12.15 3.40
CA THR A 42 7.27 -11.72 2.84
C THR A 42 7.05 -10.82 1.63
N ILE A 43 8.14 -10.51 0.93
CA ILE A 43 8.07 -9.66 -0.25
C ILE A 43 7.42 -10.38 -1.42
N PRO A 44 6.24 -9.91 -1.83
CA PRO A 44 5.49 -10.51 -2.95
C PRO A 44 6.17 -10.26 -4.29
N LYS A 45 6.99 -11.22 -4.71
CA LYS A 45 7.70 -11.12 -5.98
C LYS A 45 6.73 -10.82 -7.12
N GLY A 46 7.25 -10.25 -8.20
CA GLY A 46 6.42 -9.91 -9.35
C GLY A 46 5.59 -8.66 -9.12
N MET A 47 5.12 -8.07 -10.22
CA MET A 47 4.31 -6.86 -10.13
C MET A 47 3.15 -7.05 -9.18
N TRP A 48 3.26 -6.47 -7.98
CA TRP A 48 2.21 -6.58 -6.97
C TRP A 48 1.22 -5.42 -7.09
N ILE A 49 -0.05 -5.72 -6.85
CA ILE A 49 -1.10 -4.70 -6.92
C ILE A 49 -2.08 -4.83 -5.77
N CYS A 50 -2.31 -3.73 -5.06
CA CYS A 50 -3.22 -3.72 -3.92
C CYS A 50 -4.58 -4.31 -4.33
N PRO A 51 -5.30 -4.85 -3.33
CA PRO A 51 -6.62 -5.45 -3.55
C PRO A 51 -7.67 -4.41 -3.88
N ARG A 52 -7.35 -3.14 -3.66
CA ARG A 52 -8.28 -2.04 -3.93
C ARG A 52 -8.34 -1.75 -5.43
N CYS A 53 -7.27 -2.08 -6.14
CA CYS A 53 -7.19 -1.85 -7.57
C CYS A 53 -7.84 -3.00 -8.34
N GLN A 54 -7.40 -4.22 -8.05
CA GLN A 54 -7.93 -5.41 -8.72
C GLN A 54 -9.45 -5.43 -8.64
N ASP A 55 -9.99 -4.87 -7.57
CA ASP A 55 -11.44 -4.83 -7.38
C ASP A 55 -12.05 -3.57 -7.99
N GLN A 56 -11.41 -2.43 -7.72
CA GLN A 56 -11.89 -1.15 -8.24
C GLN A 56 -11.08 -0.73 -9.46
N GLY A 1 7.88 26.68 -14.04
CA GLY A 1 7.46 25.31 -14.19
C GLY A 1 8.03 24.40 -13.12
N SER A 2 8.00 24.87 -11.88
CA SER A 2 8.52 24.09 -10.75
C SER A 2 7.45 23.88 -9.70
N SER A 3 6.91 22.65 -9.65
CA SER A 3 5.87 22.32 -8.69
C SER A 3 6.46 21.55 -7.50
N GLY A 4 5.59 21.15 -6.58
CA GLY A 4 6.03 20.42 -5.41
C GLY A 4 4.91 19.63 -4.76
N SER A 5 4.56 18.51 -5.37
CA SER A 5 3.50 17.65 -4.86
C SER A 5 3.51 16.29 -5.53
N SER A 6 4.69 15.69 -5.61
CA SER A 6 4.85 14.38 -6.24
C SER A 6 5.29 13.34 -5.21
N GLY A 7 4.33 12.58 -4.70
CA GLY A 7 4.63 11.56 -3.71
C GLY A 7 3.39 10.78 -3.29
N HIS A 8 3.61 9.68 -2.58
CA HIS A 8 2.51 8.84 -2.12
C HIS A 8 2.37 8.91 -0.60
N GLU A 9 1.36 8.22 -0.07
CA GLU A 9 1.13 8.21 1.37
C GLU A 9 2.32 7.63 2.12
N ASP A 10 2.15 7.40 3.41
CA ASP A 10 3.22 6.84 4.25
C ASP A 10 2.65 6.23 5.52
N PHE A 11 1.39 5.81 5.47
CA PHE A 11 0.73 5.21 6.62
C PHE A 11 -0.25 4.13 6.19
N CYS A 12 -0.28 3.03 6.93
CA CYS A 12 -1.17 1.92 6.63
C CYS A 12 -2.61 2.40 6.47
N SER A 13 -3.30 1.86 5.46
CA SER A 13 -4.68 2.24 5.19
C SER A 13 -5.65 1.27 5.86
N VAL A 14 -5.29 0.80 7.05
CA VAL A 14 -6.12 -0.12 7.79
C VAL A 14 -5.98 0.08 9.30
N CYS A 15 -4.75 0.22 9.75
CA CYS A 15 -4.47 0.43 11.17
C CYS A 15 -3.84 1.80 11.41
N ARG A 16 -3.21 2.34 10.37
CA ARG A 16 -2.56 3.65 10.47
C ARG A 16 -1.41 3.61 11.48
N LYS A 17 -0.24 3.19 11.03
CA LYS A 17 0.93 3.12 11.89
C LYS A 17 2.19 3.53 11.14
N SER A 18 3.31 3.54 11.84
CA SER A 18 4.59 3.91 11.23
C SER A 18 5.41 2.67 10.87
N GLY A 19 6.55 2.89 10.23
CA GLY A 19 7.40 1.79 9.85
C GLY A 19 7.48 1.61 8.34
N GLN A 20 7.70 0.38 7.90
CA GLN A 20 7.80 0.09 6.48
C GLN A 20 6.43 -0.30 5.91
N LEU A 21 6.09 0.30 4.77
CA LEU A 21 4.81 0.02 4.12
C LEU A 21 5.01 -0.32 2.65
N LEU A 22 4.09 -1.12 2.11
CA LEU A 22 4.17 -1.53 0.72
C LEU A 22 3.57 -0.47 -0.19
N MET A 23 4.03 -0.44 -1.45
CA MET A 23 3.54 0.54 -2.41
C MET A 23 2.90 -0.16 -3.61
N CYS A 24 1.80 0.39 -4.09
CA CYS A 24 1.10 -0.18 -5.24
C CYS A 24 1.70 0.30 -6.55
N ASP A 25 1.71 -0.56 -7.55
CA ASP A 25 2.25 -0.22 -8.86
C ASP A 25 1.16 0.27 -9.80
N THR A 26 0.24 1.06 -9.25
CA THR A 26 -0.86 1.61 -10.05
C THR A 26 -1.45 2.85 -9.38
N CYS A 27 -2.08 2.65 -8.23
CA CYS A 27 -2.69 3.75 -7.50
C CYS A 27 -1.69 4.38 -6.53
N SER A 28 -2.19 5.26 -5.66
CA SER A 28 -1.35 5.94 -4.69
C SER A 28 -1.78 5.61 -3.26
N ARG A 29 -1.79 4.32 -2.94
CA ARG A 29 -2.19 3.86 -1.62
C ARG A 29 -1.21 2.83 -1.08
N VAL A 30 -0.90 2.93 0.22
CA VAL A 30 0.03 2.01 0.86
C VAL A 30 -0.71 1.05 1.78
N TYR A 31 -0.15 -0.14 1.94
CA TYR A 31 -0.75 -1.16 2.81
C TYR A 31 0.32 -2.05 3.42
N HIS A 32 0.18 -2.31 4.72
CA HIS A 32 1.13 -3.15 5.44
C HIS A 32 1.22 -4.53 4.81
N LEU A 33 2.06 -5.39 5.37
CA LEU A 33 2.24 -6.74 4.87
C LEU A 33 1.27 -7.71 5.53
N ASP A 34 0.84 -7.37 6.74
CA ASP A 34 -0.10 -8.21 7.48
C ASP A 34 -1.52 -7.66 7.38
N CYS A 35 -1.63 -6.38 7.04
CA CYS A 35 -2.93 -5.72 6.93
C CYS A 35 -3.38 -5.67 5.47
N LEU A 36 -3.47 -6.84 4.84
CA LEU A 36 -3.90 -6.93 3.45
C LEU A 36 -5.15 -7.79 3.31
N ASP A 37 -5.60 -7.97 2.06
CA ASP A 37 -6.78 -8.78 1.80
C ASP A 37 -6.68 -9.43 0.43
N PRO A 38 -6.24 -10.69 0.41
CA PRO A 38 -5.85 -11.42 1.63
C PRO A 38 -4.58 -10.87 2.26
N PRO A 39 -4.29 -11.29 3.49
CA PRO A 39 -3.09 -10.86 4.22
C PRO A 39 -1.80 -11.42 3.62
N LEU A 40 -0.71 -10.72 3.84
CA LEU A 40 0.59 -11.14 3.31
C LEU A 40 1.57 -11.43 4.45
N LYS A 41 2.78 -11.84 4.09
CA LYS A 41 3.80 -12.15 5.08
C LYS A 41 5.17 -11.65 4.63
N THR A 42 5.72 -12.30 3.62
CA THR A 42 7.03 -11.92 3.08
C THR A 42 6.88 -10.95 1.91
N ILE A 43 7.99 -10.67 1.23
CA ILE A 43 7.99 -9.77 0.09
C ILE A 43 7.31 -10.41 -1.11
N PRO A 44 6.16 -9.85 -1.52
CA PRO A 44 5.39 -10.36 -2.67
C PRO A 44 6.10 -10.10 -3.99
N LYS A 45 7.04 -10.97 -4.34
CA LYS A 45 7.79 -10.85 -5.58
C LYS A 45 6.84 -10.69 -6.78
N GLY A 46 7.37 -10.16 -7.87
CA GLY A 46 6.56 -9.96 -9.06
C GLY A 46 5.67 -8.75 -8.95
N MET A 47 5.18 -8.28 -10.09
CA MET A 47 4.30 -7.11 -10.12
C MET A 47 3.13 -7.30 -9.17
N TRP A 48 3.19 -6.63 -8.02
CA TRP A 48 2.13 -6.73 -7.02
C TRP A 48 1.17 -5.55 -7.13
N ILE A 49 -0.10 -5.80 -6.85
CA ILE A 49 -1.12 -4.77 -6.92
C ILE A 49 -2.12 -4.89 -5.77
N CYS A 50 -2.33 -3.78 -5.07
CA CYS A 50 -3.26 -3.76 -3.94
C CYS A 50 -4.62 -4.33 -4.34
N PRO A 51 -5.34 -4.87 -3.35
CA PRO A 51 -6.67 -5.45 -3.57
C PRO A 51 -7.72 -4.40 -3.91
N ARG A 52 -7.38 -3.14 -3.68
CA ARG A 52 -8.29 -2.04 -3.96
C ARG A 52 -8.35 -1.74 -5.46
N CYS A 53 -7.28 -2.09 -6.17
CA CYS A 53 -7.20 -1.87 -7.60
C CYS A 53 -7.85 -3.02 -8.37
N GLN A 54 -7.42 -4.24 -8.07
CA GLN A 54 -7.96 -5.42 -8.73
C GLN A 54 -9.49 -5.44 -8.67
N ASP A 55 -10.03 -4.87 -7.60
CA ASP A 55 -11.48 -4.82 -7.42
C ASP A 55 -12.08 -3.65 -8.19
N GLN A 56 -11.47 -2.48 -8.06
CA GLN A 56 -11.95 -1.29 -8.75
C GLN A 56 -10.95 -0.14 -8.63
N GLY A 1 3.23 21.88 -4.96
CA GLY A 1 2.12 21.74 -4.03
C GLY A 1 2.59 21.41 -2.63
N SER A 2 2.58 20.12 -2.30
CA SER A 2 3.00 19.68 -0.97
C SER A 2 4.34 18.95 -1.05
N SER A 3 5.41 19.71 -1.27
CA SER A 3 6.75 19.14 -1.36
C SER A 3 7.24 18.69 0.01
N GLY A 4 6.94 17.44 0.36
CA GLY A 4 7.36 16.91 1.65
C GLY A 4 7.81 15.47 1.56
N SER A 5 7.01 14.64 0.90
CA SER A 5 7.33 13.22 0.75
C SER A 5 7.45 12.85 -0.73
N SER A 6 6.54 13.38 -1.54
CA SER A 6 6.55 13.10 -2.97
C SER A 6 6.57 11.59 -3.23
N GLY A 7 5.70 10.86 -2.53
CA GLY A 7 5.65 9.42 -2.69
C GLY A 7 4.38 8.82 -2.10
N HIS A 8 3.24 9.36 -2.49
CA HIS A 8 1.95 8.87 -1.98
C HIS A 8 1.93 8.89 -0.46
N GLU A 9 0.90 8.29 0.12
CA GLU A 9 0.75 8.24 1.57
C GLU A 9 1.90 7.48 2.21
N ASP A 10 2.03 7.59 3.53
CA ASP A 10 3.09 6.91 4.26
C ASP A 10 2.55 6.27 5.54
N PHE A 11 1.30 5.83 5.49
CA PHE A 11 0.67 5.20 6.63
C PHE A 11 -0.31 4.11 6.20
N CYS A 12 -0.33 3.01 6.93
CA CYS A 12 -1.21 1.89 6.63
C CYS A 12 -2.65 2.36 6.46
N SER A 13 -3.33 1.84 5.44
CA SER A 13 -4.72 2.22 5.17
C SER A 13 -5.68 1.22 5.82
N VAL A 14 -5.33 0.77 7.03
CA VAL A 14 -6.17 -0.18 7.76
C VAL A 14 -6.03 0.01 9.26
N CYS A 15 -4.79 0.14 9.72
CA CYS A 15 -4.52 0.33 11.14
C CYS A 15 -3.87 1.69 11.40
N ARG A 16 -3.23 2.24 10.37
CA ARG A 16 -2.58 3.53 10.49
C ARG A 16 -1.46 3.49 11.52
N LYS A 17 -0.31 2.96 11.13
CA LYS A 17 0.84 2.86 12.02
C LYS A 17 2.14 3.15 11.26
N SER A 18 3.13 3.67 11.98
CA SER A 18 4.42 3.99 11.38
C SER A 18 5.17 2.71 10.99
N GLY A 19 6.32 2.88 10.35
CA GLY A 19 7.12 1.74 9.94
C GLY A 19 7.18 1.60 8.43
N GLN A 20 7.62 0.44 7.96
CA GLN A 20 7.73 0.18 6.54
C GLN A 20 6.38 -0.24 5.95
N LEU A 21 6.04 0.35 4.80
CA LEU A 21 4.78 0.04 4.14
C LEU A 21 5.00 -0.32 2.68
N LEU A 22 4.10 -1.12 2.12
CA LEU A 22 4.20 -1.53 0.73
C LEU A 22 3.60 -0.47 -0.20
N MET A 23 4.08 -0.44 -1.44
CA MET A 23 3.60 0.53 -2.42
C MET A 23 2.95 -0.18 -3.61
N CYS A 24 1.85 0.39 -4.09
CA CYS A 24 1.14 -0.18 -5.22
C CYS A 24 1.71 0.30 -6.55
N ASP A 25 1.71 -0.56 -7.55
CA ASP A 25 2.24 -0.20 -8.87
C ASP A 25 1.11 0.25 -9.79
N THR A 26 0.20 1.06 -9.26
CA THR A 26 -0.92 1.58 -10.03
C THR A 26 -1.52 2.82 -9.38
N CYS A 27 -2.12 2.63 -8.20
CA CYS A 27 -2.74 3.73 -7.47
C CYS A 27 -1.75 4.34 -6.49
N SER A 28 -2.25 5.23 -5.63
CA SER A 28 -1.41 5.89 -4.63
C SER A 28 -1.88 5.54 -3.22
N ARG A 29 -1.88 4.26 -2.89
CA ARG A 29 -2.30 3.80 -1.58
C ARG A 29 -1.31 2.77 -1.01
N VAL A 30 -0.92 2.96 0.24
CA VAL A 30 0.01 2.06 0.90
C VAL A 30 -0.71 1.09 1.82
N TYR A 31 -0.19 -0.13 1.93
CA TYR A 31 -0.79 -1.16 2.78
C TYR A 31 0.28 -2.05 3.39
N HIS A 32 0.15 -2.32 4.68
CA HIS A 32 1.10 -3.15 5.40
C HIS A 32 1.20 -4.54 4.75
N LEU A 33 2.04 -5.39 5.31
CA LEU A 33 2.23 -6.74 4.79
C LEU A 33 1.26 -7.72 5.44
N ASP A 34 0.83 -7.39 6.65
CA ASP A 34 -0.11 -8.24 7.38
C ASP A 34 -1.53 -7.69 7.31
N CYS A 35 -1.64 -6.40 6.98
CA CYS A 35 -2.94 -5.75 6.87
C CYS A 35 -3.40 -5.69 5.42
N LEU A 36 -3.49 -6.85 4.78
CA LEU A 36 -3.92 -6.93 3.39
C LEU A 36 -5.16 -7.80 3.24
N ASP A 37 -5.62 -7.97 2.01
CA ASP A 37 -6.80 -8.78 1.74
C ASP A 37 -6.70 -9.43 0.36
N PRO A 38 -6.26 -10.69 0.34
CA PRO A 38 -5.87 -11.43 1.55
C PRO A 38 -4.58 -10.87 2.17
N PRO A 39 -4.29 -11.30 3.40
CA PRO A 39 -3.10 -10.86 4.13
C PRO A 39 -1.81 -11.42 3.53
N LEU A 40 -0.71 -10.72 3.74
CA LEU A 40 0.59 -11.14 3.21
C LEU A 40 1.57 -11.43 4.35
N LYS A 41 2.78 -11.84 3.98
CA LYS A 41 3.81 -12.14 4.97
C LYS A 41 5.17 -11.62 4.50
N THR A 42 5.73 -12.28 3.48
CA THR A 42 7.03 -11.88 2.96
C THR A 42 6.88 -10.93 1.78
N ILE A 43 7.98 -10.64 1.11
CA ILE A 43 7.97 -9.73 -0.04
C ILE A 43 7.31 -10.39 -1.24
N PRO A 44 6.15 -9.84 -1.65
CA PRO A 44 5.39 -10.35 -2.80
C PRO A 44 6.10 -10.09 -4.11
N LYS A 45 7.00 -10.99 -4.48
CA LYS A 45 7.75 -10.85 -5.74
C LYS A 45 6.80 -10.64 -6.91
N GLY A 46 7.35 -10.19 -8.04
CA GLY A 46 6.54 -9.95 -9.22
C GLY A 46 5.65 -8.73 -9.07
N MET A 47 5.18 -8.21 -10.21
CA MET A 47 4.30 -7.04 -10.19
C MET A 47 3.13 -7.25 -9.25
N TRP A 48 3.20 -6.61 -8.08
CA TRP A 48 2.14 -6.72 -7.08
C TRP A 48 1.15 -5.57 -7.21
N ILE A 49 -0.11 -5.85 -6.90
CA ILE A 49 -1.15 -4.82 -6.98
C ILE A 49 -2.13 -4.94 -5.81
N CYS A 50 -2.34 -3.84 -5.11
CA CYS A 50 -3.25 -3.81 -3.97
C CYS A 50 -4.62 -4.37 -4.36
N PRO A 51 -5.34 -4.91 -3.35
CA PRO A 51 -6.67 -5.49 -3.57
C PRO A 51 -7.71 -4.42 -3.88
N ARG A 52 -7.35 -3.16 -3.70
CA ARG A 52 -8.26 -2.05 -3.96
C ARG A 52 -8.32 -1.75 -5.45
N CYS A 53 -7.26 -2.11 -6.17
CA CYS A 53 -7.21 -1.88 -7.61
C CYS A 53 -7.88 -3.01 -8.38
N GLN A 54 -7.46 -4.23 -8.09
CA GLN A 54 -8.02 -5.41 -8.76
C GLN A 54 -9.55 -5.40 -8.66
N ASP A 55 -10.07 -4.83 -7.58
CA ASP A 55 -11.51 -4.75 -7.38
C ASP A 55 -12.14 -3.71 -8.29
N GLN A 56 -11.80 -2.44 -8.04
CA GLN A 56 -12.34 -1.35 -8.84
C GLN A 56 -11.28 -0.29 -9.10
N GLY A 1 -0.78 29.37 -3.70
CA GLY A 1 -1.11 28.41 -4.74
C GLY A 1 -0.08 27.29 -4.84
N SER A 2 -0.23 26.26 -4.01
CA SER A 2 0.68 25.14 -4.01
C SER A 2 0.15 24.00 -4.88
N SER A 3 1.06 23.19 -5.40
CA SER A 3 0.69 22.07 -6.27
C SER A 3 1.79 21.02 -6.29
N GLY A 4 1.41 19.77 -6.04
CA GLY A 4 2.38 18.69 -6.04
C GLY A 4 1.95 17.52 -6.91
N SER A 5 2.92 16.73 -7.37
CA SER A 5 2.62 15.58 -8.22
C SER A 5 3.24 14.31 -7.64
N SER A 6 2.43 13.26 -7.52
CA SER A 6 2.91 11.99 -6.98
C SER A 6 3.35 12.15 -5.53
N GLY A 7 3.71 11.03 -4.90
CA GLY A 7 4.15 11.07 -3.52
C GLY A 7 3.57 9.93 -2.71
N HIS A 8 2.33 9.56 -3.00
CA HIS A 8 1.67 8.47 -2.29
C HIS A 8 1.59 8.78 -0.79
N GLU A 9 0.98 7.87 -0.04
CA GLU A 9 0.84 8.03 1.40
C GLU A 9 2.06 7.45 2.13
N ASP A 10 2.01 7.51 3.46
CA ASP A 10 3.10 6.99 4.28
C ASP A 10 2.56 6.36 5.56
N PHE A 11 1.32 5.91 5.51
CA PHE A 11 0.69 5.29 6.67
C PHE A 11 -0.28 4.17 6.25
N CYS A 12 -0.26 3.08 6.99
CA CYS A 12 -1.13 1.94 6.68
C CYS A 12 -2.59 2.39 6.54
N SER A 13 -3.27 1.85 5.54
CA SER A 13 -4.68 2.19 5.30
C SER A 13 -5.60 1.19 5.98
N VAL A 14 -5.22 0.75 7.17
CA VAL A 14 -6.03 -0.21 7.93
C VAL A 14 -5.86 -0.01 9.43
N CYS A 15 -4.61 0.15 9.85
CA CYS A 15 -4.30 0.35 11.27
C CYS A 15 -3.69 1.73 11.51
N ARG A 16 -3.09 2.29 10.46
CA ARG A 16 -2.48 3.61 10.56
C ARG A 16 -1.31 3.59 11.55
N LYS A 17 -0.14 3.18 11.08
CA LYS A 17 1.05 3.12 11.91
C LYS A 17 2.29 3.55 11.13
N SER A 18 3.44 3.54 11.80
CA SER A 18 4.69 3.93 11.17
C SER A 18 5.53 2.70 10.82
N GLY A 19 6.67 2.94 10.19
CA GLY A 19 7.55 1.84 9.80
C GLY A 19 7.61 1.66 8.30
N GLN A 20 7.76 0.40 7.87
CA GLN A 20 7.85 0.09 6.44
C GLN A 20 6.48 -0.26 5.88
N LEU A 21 6.13 0.34 4.75
CA LEU A 21 4.85 0.09 4.11
C LEU A 21 5.04 -0.26 2.62
N LEU A 22 4.16 -1.12 2.11
CA LEU A 22 4.23 -1.52 0.71
C LEU A 22 3.64 -0.46 -0.20
N MET A 23 4.11 -0.42 -1.45
CA MET A 23 3.63 0.55 -2.42
C MET A 23 2.99 -0.15 -3.62
N CYS A 24 1.83 0.36 -4.04
CA CYS A 24 1.12 -0.22 -5.18
C CYS A 24 1.71 0.27 -6.50
N ASP A 25 1.71 -0.59 -7.50
CA ASP A 25 2.25 -0.25 -8.81
C ASP A 25 1.13 0.21 -9.74
N THR A 26 0.22 1.02 -9.21
CA THR A 26 -0.90 1.54 -10.00
C THR A 26 -1.50 2.78 -9.37
N CYS A 27 -2.09 2.61 -8.18
CA CYS A 27 -2.70 3.72 -7.47
C CYS A 27 -1.70 4.38 -6.53
N SER A 28 -2.19 5.28 -5.67
CA SER A 28 -1.33 5.98 -4.72
C SER A 28 -1.74 5.67 -3.28
N ARG A 29 -1.68 4.38 -2.92
CA ARG A 29 -2.04 3.95 -1.59
C ARG A 29 -1.00 3.00 -1.02
N VAL A 30 -0.90 2.95 0.30
CA VAL A 30 0.06 2.09 0.97
C VAL A 30 -0.64 1.13 1.93
N TYR A 31 -0.18 -0.13 1.95
CA TYR A 31 -0.77 -1.14 2.82
C TYR A 31 0.32 -2.03 3.42
N HIS A 32 0.22 -2.29 4.72
CA HIS A 32 1.18 -3.13 5.42
C HIS A 32 1.27 -4.51 4.77
N LEU A 33 2.11 -5.36 5.33
CA LEU A 33 2.29 -6.72 4.82
C LEU A 33 1.34 -7.69 5.50
N ASP A 34 0.93 -7.35 6.72
CA ASP A 34 0.02 -8.19 7.48
C ASP A 34 -1.40 -7.64 7.42
N CYS A 35 -1.52 -6.36 7.09
CA CYS A 35 -2.83 -5.71 7.00
C CYS A 35 -3.31 -5.66 5.55
N LEU A 36 -3.42 -6.83 4.92
CA LEU A 36 -3.88 -6.91 3.55
C LEU A 36 -5.12 -7.77 3.43
N ASP A 37 -5.61 -7.95 2.20
CA ASP A 37 -6.80 -8.76 1.96
C ASP A 37 -6.73 -9.42 0.59
N PRO A 38 -6.28 -10.68 0.57
CA PRO A 38 -5.88 -11.40 1.77
C PRO A 38 -4.58 -10.85 2.36
N PRO A 39 -4.26 -11.27 3.59
CA PRO A 39 -3.05 -10.84 4.30
C PRO A 39 -1.79 -11.40 3.67
N LEU A 40 -0.68 -10.69 3.86
CA LEU A 40 0.60 -11.12 3.32
C LEU A 40 1.61 -11.40 4.43
N LYS A 41 2.81 -11.82 4.05
CA LYS A 41 3.86 -12.11 5.02
C LYS A 41 5.21 -11.60 4.53
N THR A 42 5.77 -12.26 3.53
CA THR A 42 7.06 -11.87 2.98
C THR A 42 6.88 -10.95 1.77
N ILE A 43 7.99 -10.66 1.09
CA ILE A 43 7.94 -9.79 -0.08
C ILE A 43 7.28 -10.49 -1.27
N PRO A 44 6.11 -9.96 -1.68
CA PRO A 44 5.34 -10.52 -2.80
C PRO A 44 6.04 -10.28 -4.13
N LYS A 45 6.88 -11.23 -4.54
CA LYS A 45 7.61 -11.13 -5.79
C LYS A 45 6.64 -10.86 -6.95
N GLY A 46 7.19 -10.37 -8.07
CA GLY A 46 6.37 -10.08 -9.23
C GLY A 46 5.53 -8.82 -9.04
N MET A 47 5.07 -8.26 -10.15
CA MET A 47 4.25 -7.05 -10.10
C MET A 47 3.07 -7.23 -9.16
N TRP A 48 3.16 -6.64 -7.98
CA TRP A 48 2.10 -6.74 -6.99
C TRP A 48 1.11 -5.59 -7.13
N ILE A 49 -0.16 -5.86 -6.84
CA ILE A 49 -1.20 -4.85 -6.93
C ILE A 49 -2.18 -4.95 -5.78
N CYS A 50 -2.39 -3.84 -5.07
CA CYS A 50 -3.31 -3.82 -3.95
C CYS A 50 -4.67 -4.37 -4.33
N PRO A 51 -5.40 -4.90 -3.35
CA PRO A 51 -6.73 -5.49 -3.56
C PRO A 51 -7.77 -4.43 -3.89
N ARG A 52 -7.41 -3.16 -3.72
CA ARG A 52 -8.31 -2.06 -4.00
C ARG A 52 -8.35 -1.75 -5.50
N CYS A 53 -7.30 -2.14 -6.20
CA CYS A 53 -7.21 -1.91 -7.64
C CYS A 53 -7.88 -3.03 -8.42
N GLN A 54 -7.47 -4.27 -8.13
CA GLN A 54 -8.05 -5.43 -8.81
C GLN A 54 -9.57 -5.43 -8.72
N ASP A 55 -10.09 -4.85 -7.64
CA ASP A 55 -11.53 -4.77 -7.44
C ASP A 55 -12.14 -3.66 -8.29
N GLN A 56 -13.47 -3.64 -8.37
CA GLN A 56 -14.18 -2.63 -9.15
C GLN A 56 -14.45 -1.40 -8.32
N GLY A 1 -1.05 23.47 -1.78
CA GLY A 1 -1.25 23.10 -3.16
C GLY A 1 -0.29 22.03 -3.63
N SER A 2 0.38 22.27 -4.74
CA SER A 2 1.34 21.32 -5.29
C SER A 2 0.64 20.01 -5.66
N SER A 3 0.41 19.83 -6.97
CA SER A 3 -0.25 18.63 -7.46
C SER A 3 0.52 18.04 -8.64
N GLY A 4 1.77 17.66 -8.40
CA GLY A 4 2.58 17.09 -9.45
C GLY A 4 3.25 15.80 -9.02
N SER A 5 4.57 15.86 -8.79
CA SER A 5 5.33 14.69 -8.37
C SER A 5 5.90 14.87 -6.97
N SER A 6 5.12 14.48 -5.97
CA SER A 6 5.55 14.61 -4.58
C SER A 6 5.72 13.24 -3.93
N GLY A 7 4.69 12.41 -4.05
CA GLY A 7 4.74 11.07 -3.47
C GLY A 7 3.38 10.59 -3.01
N HIS A 8 3.34 9.39 -2.44
CA HIS A 8 2.09 8.81 -1.95
C HIS A 8 2.00 8.91 -0.43
N GLU A 9 0.97 8.31 0.14
CA GLU A 9 0.77 8.33 1.58
C GLU A 9 1.96 7.72 2.31
N ASP A 10 1.87 7.64 3.63
CA ASP A 10 2.94 7.07 4.43
C ASP A 10 2.38 6.41 5.69
N PHE A 11 1.15 5.93 5.60
CA PHE A 11 0.50 5.27 6.73
C PHE A 11 -0.43 4.17 6.24
N CYS A 12 -0.42 3.04 6.94
CA CYS A 12 -1.26 1.90 6.59
C CYS A 12 -2.72 2.34 6.43
N SER A 13 -3.38 1.80 5.42
CA SER A 13 -4.77 2.13 5.15
C SER A 13 -5.71 1.10 5.79
N VAL A 14 -5.35 0.65 6.99
CA VAL A 14 -6.15 -0.33 7.70
C VAL A 14 -6.02 -0.15 9.22
N CYS A 15 -4.78 0.00 9.68
CA CYS A 15 -4.52 0.19 11.10
C CYS A 15 -3.91 1.56 11.37
N ARG A 16 -3.27 2.13 10.36
CA ARG A 16 -2.65 3.44 10.49
C ARG A 16 -1.53 3.41 11.53
N LYS A 17 -0.32 3.06 11.10
CA LYS A 17 0.83 3.00 12.00
C LYS A 17 2.09 3.51 11.31
N SER A 18 3.19 3.52 12.03
CA SER A 18 4.47 3.98 11.49
C SER A 18 5.41 2.80 11.28
N GLY A 19 6.13 2.82 10.15
CA GLY A 19 7.06 1.75 9.84
C GLY A 19 7.17 1.48 8.36
N GLN A 20 7.54 0.26 8.01
CA GLN A 20 7.68 -0.13 6.60
C GLN A 20 6.33 -0.48 6.00
N LEU A 21 6.03 0.13 4.85
CA LEU A 21 4.77 -0.10 4.17
C LEU A 21 5.00 -0.45 2.70
N LEU A 22 4.06 -1.19 2.12
CA LEU A 22 4.16 -1.59 0.72
C LEU A 22 3.54 -0.53 -0.20
N MET A 23 4.04 -0.46 -1.43
CA MET A 23 3.54 0.50 -2.40
C MET A 23 2.89 -0.21 -3.59
N CYS A 24 1.86 0.42 -4.15
CA CYS A 24 1.15 -0.16 -5.29
C CYS A 24 1.75 0.36 -6.60
N ASP A 25 1.75 -0.51 -7.61
CA ASP A 25 2.28 -0.16 -8.92
C ASP A 25 1.17 0.31 -9.86
N THR A 26 0.25 1.11 -9.32
CA THR A 26 -0.87 1.62 -10.11
C THR A 26 -1.48 2.86 -9.46
N CYS A 27 -2.07 2.67 -8.28
CA CYS A 27 -2.69 3.77 -7.56
C CYS A 27 -1.70 4.41 -6.59
N SER A 28 -2.21 5.29 -5.73
CA SER A 28 -1.37 5.97 -4.76
C SER A 28 -1.80 5.65 -3.33
N ARG A 29 -1.82 4.35 -3.02
CA ARG A 29 -2.21 3.89 -1.69
C ARG A 29 -1.18 2.94 -1.11
N VAL A 30 -1.02 2.97 0.21
CA VAL A 30 -0.06 2.11 0.88
C VAL A 30 -0.78 1.08 1.76
N TYR A 31 -0.20 -0.12 1.85
CA TYR A 31 -0.78 -1.18 2.65
C TYR A 31 0.32 -2.05 3.28
N HIS A 32 0.18 -2.33 4.57
CA HIS A 32 1.14 -3.15 5.29
C HIS A 32 1.31 -4.51 4.62
N LEU A 33 2.18 -5.34 5.18
CA LEU A 33 2.42 -6.68 4.64
C LEU A 33 1.47 -7.70 5.25
N ASP A 34 0.98 -7.41 6.46
CA ASP A 34 0.06 -8.29 7.15
C ASP A 34 -1.37 -7.78 7.05
N CYS A 35 -1.51 -6.47 6.82
CA CYS A 35 -2.83 -5.86 6.69
C CYS A 35 -3.28 -5.82 5.24
N LEU A 36 -3.27 -6.98 4.60
CA LEU A 36 -3.68 -7.09 3.20
C LEU A 36 -4.89 -8.00 3.05
N ASP A 37 -5.33 -8.19 1.81
CA ASP A 37 -6.48 -9.05 1.54
C ASP A 37 -6.35 -9.69 0.15
N PRO A 38 -5.86 -10.93 0.12
CA PRO A 38 -5.44 -11.65 1.33
C PRO A 38 -4.19 -11.05 1.96
N PRO A 39 -3.87 -11.49 3.19
CA PRO A 39 -2.70 -11.00 3.92
C PRO A 39 -1.39 -11.50 3.31
N LEU A 40 -0.30 -10.83 3.65
CA LEU A 40 1.02 -11.21 3.14
C LEU A 40 2.02 -11.37 4.27
N LYS A 41 3.24 -11.74 3.93
CA LYS A 41 4.29 -11.93 4.91
C LYS A 41 5.62 -11.37 4.42
N THR A 42 6.21 -12.03 3.42
CA THR A 42 7.48 -11.60 2.85
C THR A 42 7.26 -10.71 1.64
N ILE A 43 8.34 -10.38 0.93
CA ILE A 43 8.27 -9.54 -0.26
C ILE A 43 7.62 -10.29 -1.42
N PRO A 44 6.44 -9.83 -1.83
CA PRO A 44 5.69 -10.44 -2.94
C PRO A 44 6.37 -10.20 -4.29
N LYS A 45 7.28 -11.10 -4.65
CA LYS A 45 7.99 -10.99 -5.91
C LYS A 45 7.02 -10.84 -7.08
N GLY A 46 7.42 -10.09 -8.10
CA GLY A 46 6.57 -9.89 -9.25
C GLY A 46 5.67 -8.68 -9.12
N MET A 47 5.16 -8.19 -10.24
CA MET A 47 4.29 -7.02 -10.24
C MET A 47 3.13 -7.22 -9.26
N TRP A 48 3.22 -6.57 -8.11
CA TRP A 48 2.19 -6.68 -7.09
C TRP A 48 1.21 -5.51 -7.19
N ILE A 49 -0.06 -5.78 -6.92
CA ILE A 49 -1.10 -4.76 -6.99
C ILE A 49 -2.07 -4.88 -5.82
N CYS A 50 -2.29 -3.78 -5.12
CA CYS A 50 -3.19 -3.76 -3.97
C CYS A 50 -4.56 -4.33 -4.35
N PRO A 51 -5.27 -4.87 -3.34
CA PRO A 51 -6.59 -5.46 -3.55
C PRO A 51 -7.65 -4.40 -3.86
N ARG A 52 -7.30 -3.13 -3.66
CA ARG A 52 -8.22 -2.03 -3.93
C ARG A 52 -8.29 -1.73 -5.42
N CYS A 53 -7.23 -2.09 -6.14
CA CYS A 53 -7.18 -1.85 -7.59
C CYS A 53 -7.85 -3.00 -8.35
N GLN A 54 -7.43 -4.23 -8.05
CA GLN A 54 -7.98 -5.40 -8.71
C GLN A 54 -9.51 -5.40 -8.63
N ASP A 55 -10.04 -4.81 -7.56
CA ASP A 55 -11.49 -4.75 -7.36
C ASP A 55 -12.14 -3.87 -8.43
N GLN A 56 -11.91 -2.56 -8.33
CA GLN A 56 -12.48 -1.62 -9.29
C GLN A 56 -11.39 -0.75 -9.90
#